data_6X1A
#
_entry.id   6X1A
#
_cell.length_a   1.00
_cell.length_b   1.00
_cell.length_c   1.00
_cell.angle_alpha   90.00
_cell.angle_beta   90.00
_cell.angle_gamma   90.00
#
_symmetry.space_group_name_H-M   'P 1'
#
loop_
_entity.id
_entity.type
_entity.pdbx_description
1 polymer 'Guanine nucleotide-binding protein G(s) subunit alpha isoforms short'
2 polymer 'Guanine nucleotide-binding protein G(I)/G(S)/G(T) subunit beta-1'
3 polymer 'Guanine nucleotide-binding protein G(I)/G(S)/G(O) subunit gamma-2'
4 polymer Nanobody35
5 polymer 'Glucagon-like peptide 1 receptor'
6 non-polymer '2-[(4-{6-[(4-cyano-2-fluorophenyl)methoxy]pyridin-2-yl}piperidin-1-yl)methyl]-1-{[(2S)-oxetan-2-yl]methyl}-1H-benzimidazole-6-carboxylic acid'
7 water water
#
loop_
_entity_poly.entity_id
_entity_poly.type
_entity_poly.pdbx_seq_one_letter_code
_entity_poly.pdbx_strand_id
1 'polypeptide(L)'
;MGCLGNSKTEDQRNEEKAQREANKKIEKQLQKDKQVYRATHRLLLLGAGESGKNTIVKQMRILHVNGFNGEGGEEDPQAA
RSNSDGEKATKVQDIKNNLKEAIETIVAAMSNLVPPVELANPENQFRVDYILSVMNVPDFDFPPEFYEHAKALWEDEGVR
ACYERSNEYQLIDCAQYFLDKIDVIKQADYVPSDQDLLRCRVLTSGIFETKFQVDKVNFHMFDVGAQRDERRKWIQCFND
VTAIIFVVASSSYNMVIREDNQTNRLQAALKLFDSIWNNKWLRDTSVILFLNKQDLLAEKVLAGKSKIEDYFPEFARYTT
PEDATPEPGEDPRVTRAKYFIRDEFLRISTASGDGRHYCYPHFTCAVDTENIRRVFNDCRDIIQRMHLRQYELL
;
A
2 'polypeptide(L)'
;QSELDQLRQEAEQLKNQIRDARKACADATLSQITNNIDPVGRIQMRTRRTLRGHLAKIYAMHWGTDSRLLVSASQDGKLI
IWDSYTTNKVHAIPLRSSWVMTCAYAPSGNYVACGGLDNICSIYNLKTREGNVRVSRELAGHTGYLSCCRFLDDNQIVTS
SGDTTCALWDIETGQQTTTFTGHTGDVMSLSLAPDTRLFVSGACDASAKLWDVREGMCRQTFTGHESDINAICFFPNGNA
FATGSDDATCRLFDLRADQELMTYSHDNIICGITSVSFSKSGRLLLAGYDDFNCNVWDALKADRAGVLAGHDNRVSCLGV
TDDGMAVATGSWDSFLKIWN
;
B
3 'polypeptide(L)' NTASIAQARKLVEQLKMEANIDRIKVSKAAADLMAYCEAHAKEDPLLTPVPASENPFR G
4 'polypeptide(L)'
;QVQLQESGGGLVQPGGSLRLSCAASGFTFSNYKMNWVRQAPGKGLEWVSDISQSGASISYTGSVKGRFTISRDNAKNTLY
LQMNSLKPEDTAVYYCARCPAPFTRDCFDVTSTTYAYRGQGTQVTVSS
;
N
5 'polypeptide(L)'
;MKTIIALSYIFCLVFADYKDDDDLEVLFQGPARPQGATVSLWETVQKWREYRRQCQRSLTEDPPPATDLFCNRTFDEYAC
WPDGEPGSFVNVSCPWYLPWASSVPQGHVYRFCTAEGLWLQKDNSSLPWRDLSECEESKRGERSSPEEQLLFLYIIYTVG
YALSFSALVIASAILLGFRHLHCTRNYIHLNLFASFILRALSVFIKDAALKWMYSTAAQQHQWDGLLSYQDSLSCRLVFL
LMQYCVAANYYWLLVEGVYLYTLLAFSVFSEQWIFRLYVSIGWGVPLLFVVPWGIVKYLYEDEGCWTRNSNMNYWLIIRL
PILFAIGVNFLIFVRVICIVVSKLKANLMCKTDIKCRLAKSTLTLIPLLGTHEVIFAFVMDEHARGTLRFIKLFTELSFT
SFQGLMVAILYCFVNNEVQLEFRKSWERWRLEHLHIQRDSSMKPLKCPTSSLSSGATAGSSMYTATCQASCSPAGLEVLF
QGPHHHHHHHH
;
R
#
# COMPACT_ATOMS: atom_id res chain seq x y z
N ASP A 11 -36.50 27.83 -5.45
CA ASP A 11 -35.50 28.83 -5.93
C ASP A 11 -34.41 28.10 -6.73
N GLN A 12 -33.15 28.22 -6.30
CA GLN A 12 -32.04 27.49 -6.97
C GLN A 12 -31.66 26.28 -6.15
N ARG A 13 -32.44 25.96 -5.11
CA ARG A 13 -32.19 24.71 -4.34
C ARG A 13 -32.54 23.51 -5.25
N ASN A 14 -33.23 23.75 -6.36
CA ASN A 14 -33.49 22.68 -7.36
C ASN A 14 -32.14 22.19 -7.89
N GLU A 15 -31.17 23.10 -8.04
CA GLU A 15 -29.85 22.73 -8.59
C GLU A 15 -29.24 21.65 -7.69
N GLU A 16 -29.44 21.76 -6.38
CA GLU A 16 -28.96 20.69 -5.48
C GLU A 16 -29.61 19.36 -5.84
N LYS A 17 -30.88 19.36 -6.27
CA LYS A 17 -31.57 18.07 -6.50
C LYS A 17 -30.83 17.26 -7.57
N ALA A 18 -30.48 17.87 -8.69
CA ALA A 18 -29.69 17.17 -9.72
C ALA A 18 -28.28 16.88 -9.20
N GLN A 19 -27.66 17.85 -8.52
CA GLN A 19 -26.25 17.70 -8.07
C GLN A 19 -26.14 16.71 -6.91
N ARG A 20 -27.26 16.37 -6.28
CA ARG A 20 -27.33 15.24 -5.32
C ARG A 20 -27.71 13.95 -6.05
N GLU A 21 -28.66 14.03 -6.98
CA GLU A 21 -29.06 12.84 -7.77
C GLU A 21 -27.90 12.36 -8.64
N ALA A 22 -27.19 13.28 -9.30
CA ALA A 22 -26.03 12.92 -10.13
C ALA A 22 -24.95 12.32 -9.25
N ASN A 23 -24.58 12.90 -8.16
CA ASN A 23 -23.55 12.33 -7.25
C ASN A 23 -23.93 10.90 -6.90
N LYS A 24 -25.27 10.68 -6.66
CA LYS A 24 -25.76 9.32 -6.33
C LYS A 24 -25.68 8.35 -7.51
N LYS A 25 -26.06 8.75 -8.73
CA LYS A 25 -26.11 7.79 -9.86
C LYS A 25 -24.69 7.42 -10.31
N ILE A 26 -23.70 7.97 -9.60
CA ILE A 26 -22.28 7.70 -9.76
C ILE A 26 -21.79 6.77 -8.66
N GLU A 27 -22.28 6.98 -7.43
CA GLU A 27 -21.86 6.14 -6.31
C GLU A 27 -22.30 4.68 -6.50
N LYS A 28 -23.47 4.46 -7.08
CA LYS A 28 -23.93 3.09 -7.28
C LYS A 28 -23.13 2.34 -8.33
N GLN A 29 -22.48 3.06 -9.24
CA GLN A 29 -21.55 2.45 -10.18
C GLN A 29 -20.12 2.44 -9.67
N LEU A 30 -19.73 3.43 -8.87
CA LEU A 30 -18.42 3.38 -8.24
C LEU A 30 -18.32 2.22 -7.27
N GLN A 31 -19.43 1.83 -6.65
CA GLN A 31 -19.43 0.63 -5.82
C GLN A 31 -19.41 -0.64 -6.67
N LYS A 32 -20.09 -0.61 -7.83
CA LYS A 32 -19.98 -1.71 -8.78
C LYS A 32 -18.57 -1.84 -9.33
N ASP A 33 -17.87 -0.71 -9.49
CA ASP A 33 -16.48 -0.72 -9.91
C ASP A 33 -15.54 -1.13 -8.78
N LYS A 34 -15.98 -1.01 -7.53
CA LYS A 34 -15.16 -1.43 -6.41
C LYS A 34 -15.18 -2.94 -6.22
N GLN A 35 -16.32 -3.58 -6.48
CA GLN A 35 -16.39 -5.03 -6.33
C GLN A 35 -15.62 -5.76 -7.42
N VAL A 36 -15.30 -5.09 -8.53
CA VAL A 36 -14.50 -5.70 -9.58
C VAL A 36 -13.03 -5.33 -9.44
N TYR A 37 -12.74 -4.11 -8.97
CA TYR A 37 -11.37 -3.69 -8.79
C TYR A 37 -10.69 -4.48 -7.68
N ARG A 38 -11.34 -4.61 -6.52
CA ARG A 38 -10.76 -5.33 -5.40
C ARG A 38 -10.75 -6.84 -5.63
N ALA A 39 -11.51 -7.34 -6.60
CA ALA A 39 -11.57 -8.77 -6.91
C ALA A 39 -10.66 -9.14 -8.07
N THR A 40 -9.67 -8.31 -8.38
CA THR A 40 -8.74 -8.58 -9.47
C THR A 40 -7.33 -8.22 -9.01
N HIS A 41 -6.40 -9.16 -9.19
CA HIS A 41 -5.01 -8.96 -8.79
C HIS A 41 -4.23 -8.34 -9.94
N ARG A 42 -3.49 -7.28 -9.65
CA ARG A 42 -2.72 -6.55 -10.65
C ARG A 42 -1.27 -7.01 -10.58
N LEU A 43 -0.71 -7.41 -11.72
CA LEU A 43 0.65 -8.00 -11.74
C LEU A 43 1.47 -7.26 -12.78
N LEU A 44 2.63 -6.71 -12.38
CA LEU A 44 3.57 -6.04 -13.26
C LEU A 44 4.57 -7.06 -13.77
N LEU A 45 4.71 -7.15 -15.10
CA LEU A 45 5.61 -8.09 -15.74
C LEU A 45 6.87 -7.33 -16.15
N LEU A 46 7.87 -7.31 -15.26
CA LEU A 46 9.15 -6.62 -15.56
C LEU A 46 10.14 -7.66 -16.08
N GLY A 47 11.36 -7.21 -16.38
CA GLY A 47 12.43 -8.09 -16.86
C GLY A 47 13.07 -7.55 -18.12
N ALA A 48 14.27 -8.02 -18.46
CA ALA A 48 14.95 -7.62 -19.72
C ALA A 48 14.26 -8.29 -20.91
N GLY A 49 14.51 -7.79 -22.12
CA GLY A 49 13.79 -8.30 -23.32
C GLY A 49 14.03 -9.75 -23.65
N GLU A 50 15.28 -10.21 -23.61
CA GLU A 50 15.62 -11.60 -24.04
C GLU A 50 15.34 -12.59 -22.90
N SER A 51 14.78 -12.11 -21.79
CA SER A 51 14.52 -12.94 -20.59
C SER A 51 13.46 -14.01 -20.91
N GLY A 52 12.75 -13.87 -22.01
CA GLY A 52 11.67 -14.82 -22.37
C GLY A 52 10.35 -14.30 -21.89
N LYS A 53 10.35 -13.12 -21.28
CA LYS A 53 9.11 -12.56 -20.71
C LYS A 53 8.06 -12.53 -21.81
N ASN A 54 8.46 -12.19 -23.02
CA ASN A 54 7.49 -12.07 -24.13
C ASN A 54 6.89 -13.45 -24.45
N THR A 55 7.72 -14.49 -24.47
CA THR A 55 7.20 -15.86 -24.72
C THR A 55 6.30 -16.30 -23.58
N ILE A 56 6.65 -15.95 -22.34
CA ILE A 56 5.79 -16.30 -21.19
C ILE A 56 4.43 -15.63 -21.42
N VAL A 57 4.44 -14.37 -21.86
CA VAL A 57 3.16 -13.63 -22.11
C VAL A 57 2.39 -14.32 -23.24
N LYS A 58 3.08 -14.73 -24.29
CA LYS A 58 2.36 -15.32 -25.43
C LYS A 58 1.69 -16.57 -24.90
N GLN A 59 2.44 -17.37 -24.16
CA GLN A 59 1.91 -18.63 -23.62
C GLN A 59 0.70 -18.31 -22.75
N MET A 60 0.81 -17.31 -21.89
CA MET A 60 -0.28 -17.01 -20.94
C MET A 60 -1.55 -16.68 -21.71
N ARG A 61 -1.45 -15.89 -22.79
CA ARG A 61 -2.63 -15.48 -23.58
C ARG A 61 -3.21 -16.69 -24.30
N ILE A 62 -2.34 -17.49 -24.91
CA ILE A 62 -2.81 -18.66 -25.69
C ILE A 62 -3.52 -19.66 -24.78
N LEU A 63 -2.93 -19.95 -23.62
CA LEU A 63 -3.51 -20.97 -22.70
C LEU A 63 -4.87 -20.50 -22.17
N HIS A 64 -4.93 -19.25 -21.70
CA HIS A 64 -6.06 -18.78 -20.84
C HIS A 64 -6.84 -17.69 -21.56
N LYS A 88 1.44 -7.71 -30.08
CA LYS A 88 2.90 -7.62 -29.80
C LYS A 88 3.61 -8.75 -30.55
N ALA A 89 2.99 -9.93 -30.60
CA ALA A 89 3.60 -11.10 -31.29
C ALA A 89 3.74 -10.81 -32.78
N THR A 90 2.79 -10.09 -33.36
CA THR A 90 2.78 -9.87 -34.83
C THR A 90 4.05 -9.14 -35.26
N LYS A 91 4.74 -8.47 -34.33
CA LYS A 91 5.91 -7.64 -34.69
C LYS A 91 7.02 -8.53 -35.27
N VAL A 92 6.88 -9.85 -35.12
CA VAL A 92 7.93 -10.78 -35.64
C VAL A 92 8.06 -10.57 -37.14
N GLN A 93 6.94 -10.43 -37.86
CA GLN A 93 6.98 -10.30 -39.33
C GLN A 93 7.72 -9.01 -39.66
N ASP A 94 7.49 -7.96 -38.88
CA ASP A 94 8.08 -6.62 -39.12
C ASP A 94 9.59 -6.68 -38.85
N ILE A 95 10.00 -7.51 -37.89
CA ILE A 95 11.45 -7.71 -37.60
C ILE A 95 12.04 -8.41 -38.82
N LYS A 96 11.36 -9.45 -39.31
CA LYS A 96 11.85 -10.29 -40.43
C LYS A 96 12.02 -9.43 -41.68
N ASN A 97 11.02 -8.61 -42.02
CA ASN A 97 11.08 -7.81 -43.27
C ASN A 97 12.28 -6.85 -43.21
N ASN A 98 12.45 -6.16 -42.09
CA ASN A 98 13.58 -5.20 -41.95
C ASN A 98 14.91 -5.97 -42.05
N LEU A 99 14.98 -7.14 -41.41
CA LEU A 99 16.25 -7.91 -41.48
C LEU A 99 16.53 -8.25 -42.95
N LYS A 100 15.51 -8.63 -43.70
CA LYS A 100 15.70 -8.99 -45.14
C LYS A 100 16.21 -7.76 -45.88
N GLU A 101 15.60 -6.61 -45.62
CA GLU A 101 16.00 -5.37 -46.33
C GLU A 101 17.45 -5.06 -45.97
N ALA A 102 17.79 -5.19 -44.69
CA ALA A 102 19.17 -4.86 -44.22
C ALA A 102 20.18 -5.79 -44.89
N ILE A 103 19.85 -7.08 -45.04
CA ILE A 103 20.83 -8.06 -45.59
C ILE A 103 20.97 -7.85 -47.11
N GLU A 104 19.85 -7.73 -47.81
CA GLU A 104 19.86 -7.56 -49.30
C GLU A 104 20.59 -6.26 -49.65
N THR A 105 20.21 -5.17 -48.97
CA THR A 105 20.89 -3.86 -49.05
C THR A 105 22.40 -4.09 -49.04
N ILE A 106 22.90 -4.87 -48.07
CA ILE A 106 24.36 -5.11 -47.91
C ILE A 106 24.94 -5.76 -49.17
N VAL A 107 24.20 -6.70 -49.77
CA VAL A 107 24.72 -7.42 -50.97
C VAL A 107 24.87 -6.42 -52.12
N ALA A 108 23.87 -5.55 -52.30
CA ALA A 108 23.97 -4.50 -53.35
C ALA A 108 25.10 -3.54 -53.00
N ALA A 109 25.24 -3.17 -51.72
CA ALA A 109 26.32 -2.28 -51.27
C ALA A 109 27.67 -2.84 -51.71
N MET A 110 27.92 -4.14 -51.47
CA MET A 110 29.22 -4.77 -51.82
C MET A 110 29.67 -4.28 -53.20
N SER A 111 28.75 -4.23 -54.16
CA SER A 111 29.02 -3.72 -55.53
C SER A 111 29.20 -2.20 -55.49
N ASN A 112 28.36 -1.50 -54.71
CA ASN A 112 28.32 -0.01 -54.72
C ASN A 112 29.66 0.54 -54.25
N LEU A 113 30.46 -0.28 -53.55
CA LEU A 113 31.77 0.18 -53.03
C LEU A 113 32.65 0.67 -54.19
N VAL A 114 33.32 1.81 -53.99
CA VAL A 114 34.19 2.45 -55.02
C VAL A 114 35.28 1.44 -55.42
N PRO A 115 35.95 0.73 -54.46
CA PRO A 115 36.61 -0.61 -54.67
C PRO A 115 35.57 -1.64 -54.25
N PRO A 116 34.77 -2.25 -55.20
CA PRO A 116 33.64 -3.11 -54.90
C PRO A 116 34.24 -4.20 -54.01
N VAL A 117 33.67 -4.45 -52.82
CA VAL A 117 34.41 -5.27 -51.80
C VAL A 117 34.60 -6.71 -52.29
N GLU A 118 35.65 -7.39 -51.82
CA GLU A 118 35.96 -8.78 -52.28
C GLU A 118 35.34 -9.80 -51.33
N LEU A 119 34.60 -10.78 -51.85
CA LEU A 119 33.88 -11.81 -51.05
C LEU A 119 34.78 -13.03 -50.76
N ALA A 120 34.85 -13.46 -49.50
CA ALA A 120 35.80 -14.53 -49.08
C ALA A 120 35.36 -15.86 -49.70
N ASN A 121 34.06 -16.12 -49.66
CA ASN A 121 33.45 -17.27 -50.39
C ASN A 121 33.72 -17.06 -51.88
N PRO A 122 34.48 -17.97 -52.53
CA PRO A 122 34.83 -17.80 -53.93
C PRO A 122 33.54 -17.79 -54.75
N GLU A 123 32.57 -18.63 -54.38
CA GLU A 123 31.28 -18.70 -55.11
C GLU A 123 30.13 -18.31 -54.18
N ASN A 124 29.28 -17.39 -54.63
CA ASN A 124 28.02 -17.04 -53.90
C ASN A 124 27.23 -18.34 -53.68
N GLN A 125 27.16 -19.17 -54.72
CA GLN A 125 26.33 -20.41 -54.70
C GLN A 125 24.86 -19.99 -54.74
N PHE A 126 24.57 -18.80 -55.28
CA PHE A 126 23.18 -18.27 -55.37
C PHE A 126 22.76 -17.69 -54.03
N ARG A 127 23.61 -17.78 -53.00
CA ARG A 127 23.31 -17.09 -51.71
C ARG A 127 23.13 -15.59 -52.00
N VAL A 128 24.23 -14.94 -52.41
CA VAL A 128 24.17 -13.48 -52.71
C VAL A 128 23.18 -13.27 -53.85
N ASP A 129 23.18 -14.16 -54.85
CA ASP A 129 22.31 -13.98 -56.03
C ASP A 129 20.84 -14.02 -55.60
N TYR A 130 20.47 -14.97 -54.73
CA TYR A 130 19.07 -15.08 -54.26
C TYR A 130 18.73 -13.82 -53.47
N ILE A 131 19.64 -13.42 -52.59
CA ILE A 131 19.42 -12.20 -51.76
C ILE A 131 19.04 -11.08 -52.73
N LEU A 132 19.79 -10.95 -53.82
CA LEU A 132 19.50 -9.89 -54.83
C LEU A 132 18.13 -10.14 -55.46
N SER A 133 17.71 -11.40 -55.54
CA SER A 133 16.48 -11.77 -56.29
C SER A 133 15.23 -11.37 -55.49
N VAL A 134 15.45 -10.96 -54.24
CA VAL A 134 14.39 -10.56 -53.28
C VAL A 134 14.15 -9.05 -53.40
N MET A 135 14.81 -8.41 -54.37
CA MET A 135 14.76 -6.93 -54.47
C MET A 135 13.32 -6.50 -54.76
N ASN A 136 12.84 -5.47 -54.06
CA ASN A 136 11.46 -4.97 -54.22
C ASN A 136 10.54 -6.17 -54.47
N VAL A 137 10.62 -7.20 -53.64
CA VAL A 137 9.69 -8.35 -53.78
C VAL A 137 8.30 -7.79 -53.53
N PRO A 138 7.23 -8.25 -54.21
CA PRO A 138 5.91 -7.62 -54.05
C PRO A 138 5.65 -7.72 -52.55
N ASP A 139 5.92 -8.88 -51.97
CA ASP A 139 5.87 -9.05 -50.49
C ASP A 139 6.74 -10.28 -50.25
N PHE A 140 7.46 -10.36 -49.14
CA PHE A 140 8.37 -11.53 -49.02
C PHE A 140 7.71 -12.65 -48.23
N ASP A 141 7.57 -13.82 -48.87
CA ASP A 141 7.11 -15.07 -48.22
C ASP A 141 8.01 -15.37 -47.03
N PHE A 142 9.32 -15.15 -47.20
CA PHE A 142 10.34 -15.33 -46.14
C PHE A 142 10.53 -16.82 -45.86
N PRO A 143 10.83 -17.67 -46.90
CA PRO A 143 11.17 -19.09 -46.73
C PRO A 143 12.57 -19.21 -46.10
N PRO A 144 12.91 -20.35 -45.47
CA PRO A 144 14.19 -20.48 -44.73
C PRO A 144 15.46 -20.30 -45.56
N GLU A 145 15.42 -20.63 -46.85
CA GLU A 145 16.67 -20.59 -47.66
C GLU A 145 17.22 -19.18 -47.52
N PHE A 146 16.33 -18.19 -47.57
CA PHE A 146 16.75 -16.78 -47.37
C PHE A 146 17.79 -16.72 -46.25
N TYR A 147 17.38 -17.13 -45.04
CA TYR A 147 18.24 -16.92 -43.85
C TYR A 147 19.55 -17.70 -44.03
N GLU A 148 19.42 -19.00 -44.30
CA GLU A 148 20.60 -19.89 -44.52
C GLU A 148 21.60 -19.18 -45.45
N HIS A 149 21.09 -18.58 -46.52
CA HIS A 149 21.96 -17.86 -47.48
C HIS A 149 22.79 -16.78 -46.79
N ALA A 150 22.17 -15.97 -45.94
CA ALA A 150 22.92 -14.83 -45.36
C ALA A 150 23.59 -15.25 -44.05
N LYS A 151 23.01 -16.24 -43.38
CA LYS A 151 23.61 -16.77 -42.17
C LYS A 151 25.09 -17.03 -42.37
N ALA A 152 25.42 -17.57 -43.53
CA ALA A 152 26.80 -17.90 -43.93
C ALA A 152 27.49 -16.65 -44.47
N LEU A 153 26.79 -15.87 -45.30
CA LEU A 153 27.40 -14.66 -45.91
C LEU A 153 27.66 -13.59 -44.84
N TRP A 154 27.09 -13.73 -43.65
CA TRP A 154 27.21 -12.67 -42.62
C TRP A 154 28.68 -12.41 -42.24
N GLU A 155 29.49 -13.46 -42.10
CA GLU A 155 30.90 -13.29 -41.67
C GLU A 155 31.82 -13.13 -42.91
N ASP A 156 31.23 -13.07 -44.10
CA ASP A 156 32.04 -12.96 -45.34
C ASP A 156 32.91 -11.72 -45.21
N GLU A 157 34.19 -11.81 -45.60
CA GLU A 157 35.12 -10.67 -45.37
C GLU A 157 34.59 -9.44 -46.10
N GLY A 158 34.29 -9.63 -47.40
CA GLY A 158 33.68 -8.61 -48.26
C GLY A 158 32.35 -8.17 -47.70
N VAL A 159 31.54 -9.10 -47.20
CA VAL A 159 30.18 -8.70 -46.74
C VAL A 159 30.35 -7.72 -45.57
N ARG A 160 31.23 -8.07 -44.63
CA ARG A 160 31.47 -7.21 -43.45
C ARG A 160 32.04 -5.87 -43.93
N ALA A 161 33.01 -5.94 -44.86
CA ALA A 161 33.65 -4.71 -45.37
C ALA A 161 32.61 -3.84 -46.08
N CYS A 162 31.74 -4.46 -46.89
CA CYS A 162 30.72 -3.72 -47.66
C CYS A 162 29.76 -3.07 -46.66
N TYR A 163 29.38 -3.79 -45.60
CA TYR A 163 28.48 -3.23 -44.58
C TYR A 163 29.16 -2.03 -43.93
N GLU A 164 30.45 -2.17 -43.63
CA GLU A 164 31.21 -1.06 -43.02
C GLU A 164 31.17 0.12 -44.00
N ARG A 165 31.41 -0.13 -45.28
CA ARG A 165 31.29 0.96 -46.29
C ARG A 165 29.81 1.32 -46.39
N SER A 166 28.95 0.32 -46.44
CA SER A 166 27.50 0.59 -46.60
C SER A 166 27.01 1.43 -45.43
N ASN A 167 27.85 1.59 -44.40
CA ASN A 167 27.64 2.73 -43.49
C ASN A 167 27.40 3.99 -44.32
N GLU A 168 28.36 4.34 -45.18
CA GLU A 168 28.24 5.55 -46.02
C GLU A 168 26.97 5.42 -46.88
N TYR A 169 26.64 4.19 -47.28
CA TYR A 169 25.43 3.96 -48.11
C TYR A 169 24.19 3.85 -47.22
N GLN A 170 24.02 4.83 -46.33
CA GLN A 170 22.87 4.91 -45.40
C GLN A 170 22.54 3.53 -44.83
N LEU A 171 23.52 2.92 -44.14
CA LEU A 171 23.34 1.59 -43.50
C LEU A 171 22.27 1.70 -42.40
N ILE A 172 21.41 0.68 -42.28
CA ILE A 172 20.34 0.65 -41.24
C ILE A 172 20.97 0.58 -39.85
N ASP A 173 20.39 1.29 -38.88
CA ASP A 173 20.92 1.31 -37.49
C ASP A 173 20.84 -0.08 -36.86
N CYS A 174 19.75 -0.82 -37.09
CA CYS A 174 19.54 -2.12 -36.40
C CYS A 174 20.09 -3.30 -37.20
N ALA A 175 20.73 -3.04 -38.35
CA ALA A 175 21.16 -4.17 -39.22
C ALA A 175 22.16 -5.09 -38.51
N GLN A 176 23.24 -4.53 -37.97
CA GLN A 176 24.28 -5.36 -37.29
C GLN A 176 23.60 -6.22 -36.21
N TYR A 177 22.74 -5.62 -35.40
CA TYR A 177 22.09 -6.35 -34.27
C TYR A 177 21.23 -7.49 -34.81
N PHE A 178 20.42 -7.20 -35.82
CA PHE A 178 19.54 -8.24 -36.40
C PHE A 178 20.40 -9.32 -37.07
N LEU A 179 21.48 -8.89 -37.73
CA LEU A 179 22.37 -9.85 -38.42
C LEU A 179 22.98 -10.81 -37.38
N ASP A 180 23.36 -10.27 -36.22
CA ASP A 180 23.89 -11.15 -35.14
C ASP A 180 22.81 -12.13 -34.65
N LYS A 181 21.54 -11.69 -34.56
CA LYS A 181 20.49 -12.58 -33.98
C LYS A 181 19.93 -13.60 -34.99
N ILE A 182 20.46 -13.66 -36.21
CA ILE A 182 19.76 -14.39 -37.33
C ILE A 182 19.37 -15.81 -36.92
N ASP A 183 20.24 -16.53 -36.22
CA ASP A 183 19.89 -17.90 -35.75
C ASP A 183 18.70 -17.81 -34.81
N VAL A 184 18.69 -16.84 -33.89
CA VAL A 184 17.59 -16.73 -32.90
C VAL A 184 16.31 -16.47 -33.69
N ILE A 185 16.42 -15.61 -34.71
CA ILE A 185 15.24 -15.20 -35.52
C ILE A 185 14.83 -16.37 -36.42
N LYS A 186 15.83 -17.15 -36.86
CA LYS A 186 15.58 -18.25 -37.82
C LYS A 186 14.58 -19.23 -37.19
N GLN A 187 14.63 -19.39 -35.86
CA GLN A 187 13.75 -20.37 -35.20
C GLN A 187 12.30 -19.95 -35.45
N ALA A 188 11.44 -20.88 -35.85
CA ALA A 188 10.03 -20.54 -36.16
C ALA A 188 9.33 -20.06 -34.89
N ASP A 189 9.78 -20.54 -33.74
CA ASP A 189 9.11 -20.24 -32.45
C ASP A 189 9.87 -19.10 -31.78
N TYR A 190 10.63 -18.33 -32.58
CA TYR A 190 11.25 -17.08 -32.06
C TYR A 190 10.16 -16.05 -31.80
N VAL A 191 10.25 -15.34 -30.68
CA VAL A 191 9.27 -14.26 -30.36
C VAL A 191 10.09 -13.09 -29.83
N PRO A 192 10.07 -11.86 -30.47
CA PRO A 192 11.08 -10.83 -30.32
C PRO A 192 11.12 -10.27 -28.92
N SER A 193 12.33 -9.99 -28.45
CA SER A 193 12.51 -9.37 -27.16
C SER A 193 12.24 -7.87 -27.27
N ASP A 194 11.99 -7.23 -26.13
CA ASP A 194 11.77 -5.80 -26.14
C ASP A 194 13.01 -5.05 -26.61
N GLN A 195 14.18 -5.65 -26.38
CA GLN A 195 15.44 -5.09 -26.94
C GLN A 195 15.34 -5.13 -28.46
N ASP A 196 14.74 -6.18 -29.01
CA ASP A 196 14.55 -6.28 -30.45
C ASP A 196 13.53 -5.27 -30.94
N LEU A 197 12.44 -5.11 -30.22
CA LEU A 197 11.41 -4.16 -30.60
C LEU A 197 11.85 -2.72 -30.36
N LEU A 198 12.87 -2.50 -29.52
CA LEU A 198 13.48 -1.19 -29.42
C LEU A 198 14.32 -0.89 -30.65
N ARG A 199 15.09 -1.87 -31.12
CA ARG A 199 15.94 -1.66 -32.28
C ARG A 199 15.10 -1.38 -33.52
N CYS A 200 14.04 -2.15 -33.73
CA CYS A 200 13.06 -1.79 -34.74
C CYS A 200 12.14 -0.72 -34.17
N ARG A 201 11.21 -0.22 -34.98
CA ARG A 201 10.33 0.86 -34.55
C ARG A 201 8.86 0.49 -34.59
N VAL A 202 8.55 -0.72 -34.11
CA VAL A 202 7.14 -1.21 -34.17
C VAL A 202 6.49 -1.08 -32.80
N LEU A 203 7.12 -0.35 -31.88
CA LEU A 203 6.47 -0.11 -30.56
C LEU A 203 5.87 1.30 -30.51
N THR A 204 4.55 1.39 -30.40
CA THR A 204 3.91 2.73 -30.27
C THR A 204 3.21 2.83 -28.92
N SER A 205 2.82 1.69 -28.35
CA SER A 205 1.92 1.71 -27.16
C SER A 205 2.76 1.53 -25.92
N GLY A 206 2.64 2.44 -24.98
CA GLY A 206 3.49 2.41 -23.78
C GLY A 206 3.12 1.30 -22.83
N ILE A 207 2.10 0.47 -23.10
CA ILE A 207 1.96 -0.58 -22.12
C ILE A 207 1.03 -1.65 -22.69
N PHE A 208 1.28 -2.90 -22.36
CA PHE A 208 0.52 -4.02 -22.86
C PHE A 208 -0.18 -4.73 -21.71
N GLU A 209 -1.44 -5.09 -21.94
CA GLU A 209 -2.27 -5.72 -20.92
C GLU A 209 -2.76 -7.08 -21.39
N THR A 210 -2.84 -7.99 -20.43
CA THR A 210 -3.46 -9.32 -20.62
C THR A 210 -4.21 -9.66 -19.35
N LYS A 211 -5.51 -9.81 -19.46
CA LYS A 211 -6.32 -10.20 -18.28
C LYS A 211 -6.54 -11.70 -18.39
N PHE A 212 -6.19 -12.45 -17.35
CA PHE A 212 -6.42 -13.92 -17.34
C PHE A 212 -7.10 -14.31 -16.03
N GLN A 213 -7.79 -15.46 -16.03
CA GLN A 213 -8.49 -15.92 -14.82
C GLN A 213 -8.02 -17.32 -14.47
N VAL A 214 -7.63 -17.55 -13.22
CA VAL A 214 -7.20 -18.90 -12.76
C VAL A 214 -8.20 -19.33 -11.68
N ASP A 215 -8.73 -20.56 -11.74
CA ASP A 215 -9.64 -20.97 -10.67
C ASP A 215 -10.65 -19.88 -10.35
N LYS A 216 -11.26 -19.34 -11.41
CA LYS A 216 -12.29 -18.29 -11.33
C LYS A 216 -11.75 -16.98 -10.76
N VAL A 217 -10.46 -16.95 -10.39
CA VAL A 217 -9.87 -15.68 -9.85
C VAL A 217 -9.41 -14.80 -11.02
N ASN A 218 -9.45 -13.47 -10.88
CA ASN A 218 -9.15 -12.58 -12.02
C ASN A 218 -7.81 -11.87 -11.82
N PHE A 219 -6.95 -11.96 -12.83
CA PHE A 219 -5.59 -11.36 -12.76
C PHE A 219 -5.35 -10.49 -13.99
N HIS A 220 -4.70 -9.36 -13.75
CA HIS A 220 -4.40 -8.31 -14.71
C HIS A 220 -2.89 -8.13 -14.76
N MET A 221 -2.32 -8.46 -15.91
CA MET A 221 -0.85 -8.42 -16.04
C MET A 221 -0.49 -7.34 -17.04
N PHE A 222 0.46 -6.52 -16.66
CA PHE A 222 0.82 -5.34 -17.45
C PHE A 222 2.27 -5.46 -17.89
N ASP A 223 2.47 -5.66 -19.19
CA ASP A 223 3.80 -5.69 -19.79
C ASP A 223 4.14 -4.31 -20.33
N VAL A 224 5.01 -3.60 -19.60
CA VAL A 224 5.43 -2.22 -19.97
C VAL A 224 6.12 -2.26 -21.34
N GLY A 225 5.64 -1.47 -22.29
CA GLY A 225 6.15 -1.49 -23.65
C GLY A 225 7.11 -0.37 -23.98
N ALA A 226 6.63 0.66 -24.68
CA ALA A 226 7.49 1.72 -25.21
C ALA A 226 7.79 2.74 -24.12
N GLN A 227 8.75 2.40 -23.28
CA GLN A 227 9.29 3.31 -22.27
C GLN A 227 10.81 3.26 -22.30
N ARG A 228 11.43 4.37 -21.94
CA ARG A 228 12.88 4.45 -21.90
C ARG A 228 13.44 3.53 -20.82
N ASP A 229 14.76 3.31 -20.89
CA ASP A 229 15.42 2.43 -19.94
C ASP A 229 15.51 3.03 -18.54
N GLU A 230 15.25 4.32 -18.38
CA GLU A 230 15.28 4.96 -17.07
C GLU A 230 13.92 4.76 -16.41
N ARG A 231 13.90 3.96 -15.34
CA ARG A 231 12.67 3.53 -14.70
C ARG A 231 12.38 4.24 -13.38
N ARG A 232 13.30 5.06 -12.88
CA ARG A 232 13.18 5.61 -11.53
C ARG A 232 11.97 6.52 -11.34
N LYS A 233 11.16 6.77 -12.36
CA LYS A 233 9.95 7.56 -12.21
C LYS A 233 8.69 6.75 -12.45
N TRP A 234 8.60 6.03 -13.57
CA TRP A 234 7.39 5.27 -13.87
C TRP A 234 7.31 3.95 -13.11
N ILE A 235 8.37 3.56 -12.40
CA ILE A 235 8.27 2.37 -11.55
C ILE A 235 7.46 2.65 -10.29
N GLN A 236 7.30 3.92 -9.91
CA GLN A 236 6.54 4.25 -8.72
C GLN A 236 5.05 4.05 -8.90
N CYS A 237 4.57 3.91 -10.14
CA CYS A 237 3.14 3.71 -10.37
C CYS A 237 2.68 2.34 -9.90
N PHE A 238 3.58 1.34 -9.92
CA PHE A 238 3.23 -0.04 -9.59
C PHE A 238 3.51 -0.38 -8.13
N ASN A 239 3.41 0.61 -7.24
CA ASN A 239 3.65 0.37 -5.83
C ASN A 239 2.51 -0.36 -5.14
N ASP A 240 1.34 -0.45 -5.77
CA ASP A 240 0.17 -1.09 -5.17
C ASP A 240 -0.22 -2.38 -5.86
N VAL A 241 0.58 -2.87 -6.81
CA VAL A 241 0.31 -4.18 -7.38
C VAL A 241 0.52 -5.26 -6.33
N THR A 242 -0.15 -6.39 -6.53
CA THR A 242 -0.01 -7.49 -5.58
C THR A 242 1.35 -8.18 -5.72
N ALA A 243 1.93 -8.18 -6.91
CA ALA A 243 3.22 -8.83 -7.14
C ALA A 243 3.84 -8.30 -8.42
N ILE A 244 5.14 -8.08 -8.38
CA ILE A 244 5.94 -7.76 -9.56
C ILE A 244 6.59 -9.05 -10.04
N ILE A 245 6.30 -9.44 -11.28
CA ILE A 245 6.89 -10.64 -11.87
C ILE A 245 8.22 -10.25 -12.51
N PHE A 246 9.31 -10.73 -11.90
CA PHE A 246 10.67 -10.43 -12.37
C PHE A 246 11.17 -11.64 -13.15
N VAL A 247 11.10 -11.56 -14.47
CA VAL A 247 11.57 -12.64 -15.34
C VAL A 247 13.05 -12.42 -15.63
N VAL A 248 13.89 -13.41 -15.39
CA VAL A 248 15.37 -13.23 -15.46
C VAL A 248 15.94 -14.31 -16.37
N ALA A 249 17.03 -14.02 -17.07
CA ALA A 249 17.67 -15.04 -17.93
C ALA A 249 18.91 -15.62 -17.24
N SER A 250 18.77 -16.82 -16.67
CA SER A 250 19.87 -17.52 -15.96
C SER A 250 21.01 -17.90 -16.92
N SER A 251 20.67 -18.36 -18.12
CA SER A 251 21.69 -18.84 -19.07
C SER A 251 22.55 -17.68 -19.56
N SER A 252 22.14 -16.44 -19.30
CA SER A 252 22.86 -15.24 -19.79
C SER A 252 23.98 -14.80 -18.85
N TYR A 253 24.28 -15.56 -17.80
CA TYR A 253 25.32 -15.18 -16.81
C TYR A 253 26.56 -14.62 -17.49
N ASN A 264 27.64 -9.05 -18.99
CA ASN A 264 27.03 -9.68 -17.83
C ASN A 264 25.57 -9.26 -17.69
N ARG A 265 24.69 -9.95 -18.44
CA ARG A 265 23.24 -9.65 -18.30
C ARG A 265 22.82 -10.00 -16.88
N LEU A 266 23.20 -11.17 -16.40
CA LEU A 266 22.69 -11.63 -15.12
C LEU A 266 23.02 -10.67 -13.99
N GLN A 267 24.20 -10.03 -14.03
CA GLN A 267 24.55 -9.05 -13.02
C GLN A 267 23.71 -7.78 -13.17
N ALA A 268 23.34 -7.43 -14.40
CA ALA A 268 22.44 -6.31 -14.60
C ALA A 268 21.05 -6.60 -14.06
N ALA A 269 20.62 -7.86 -14.11
CA ALA A 269 19.34 -8.23 -13.53
C ALA A 269 19.39 -8.25 -12.02
N LEU A 270 20.58 -8.37 -11.43
CA LEU A 270 20.72 -8.39 -9.99
C LEU A 270 20.73 -6.98 -9.41
N LYS A 271 21.34 -6.03 -10.13
CA LYS A 271 21.31 -4.65 -9.68
C LYS A 271 19.92 -4.03 -9.85
N LEU A 272 19.17 -4.47 -10.87
CA LEU A 272 17.81 -4.01 -11.05
C LEU A 272 16.90 -4.56 -9.96
N PHE A 273 17.05 -5.85 -9.62
CA PHE A 273 16.30 -6.41 -8.51
C PHE A 273 16.62 -5.71 -7.20
N ASP A 274 17.91 -5.42 -6.98
CA ASP A 274 18.32 -4.80 -5.72
C ASP A 274 17.73 -3.41 -5.57
N SER A 275 17.68 -2.63 -6.65
CA SER A 275 17.11 -1.29 -6.55
C SER A 275 15.60 -1.33 -6.43
N ILE A 276 14.95 -2.34 -6.99
CA ILE A 276 13.50 -2.50 -6.83
C ILE A 276 13.17 -2.91 -5.41
N TRP A 277 13.94 -3.84 -4.86
CA TRP A 277 13.67 -4.34 -3.51
C TRP A 277 13.93 -3.26 -2.45
N ASN A 278 14.79 -2.30 -2.73
CA ASN A 278 15.19 -1.29 -1.76
C ASN A 278 14.59 0.08 -2.04
N ASN A 279 13.59 0.17 -2.92
CA ASN A 279 12.93 1.44 -3.19
C ASN A 279 11.90 1.74 -2.11
N LYS A 280 11.84 3.01 -1.69
CA LYS A 280 10.97 3.38 -0.59
C LYS A 280 9.49 3.21 -0.93
N TRP A 281 9.14 3.36 -2.21
CA TRP A 281 7.74 3.23 -2.62
C TRP A 281 7.36 1.80 -2.97
N LEU A 282 8.33 0.94 -3.28
CA LEU A 282 8.10 -0.47 -3.56
C LEU A 282 8.43 -1.36 -2.38
N ARG A 283 8.50 -0.79 -1.17
CA ARG A 283 8.92 -1.52 0.02
C ARG A 283 7.86 -2.50 0.52
N ASP A 284 6.62 -2.40 0.04
CA ASP A 284 5.56 -3.31 0.44
C ASP A 284 5.12 -4.21 -0.72
N THR A 285 5.83 -4.20 -1.83
CA THR A 285 5.46 -4.94 -3.02
C THR A 285 6.24 -6.23 -3.09
N SER A 286 5.54 -7.36 -3.15
CA SER A 286 6.20 -8.65 -3.28
C SER A 286 6.66 -8.86 -4.72
N VAL A 287 7.69 -9.69 -4.87
CA VAL A 287 8.32 -9.93 -6.16
C VAL A 287 8.30 -11.43 -6.43
N ILE A 288 7.60 -11.84 -7.48
CA ILE A 288 7.66 -13.21 -7.96
C ILE A 288 8.83 -13.30 -8.95
N LEU A 289 9.84 -14.09 -8.60
CA LEU A 289 11.06 -14.19 -9.39
C LEU A 289 10.97 -15.40 -10.31
N PHE A 290 11.17 -15.16 -11.61
CA PHE A 290 11.12 -16.20 -12.62
C PHE A 290 12.50 -16.34 -13.26
N LEU A 291 13.28 -17.32 -12.79
CA LEU A 291 14.53 -17.70 -13.45
C LEU A 291 14.15 -18.56 -14.65
N ASN A 292 14.08 -17.93 -15.82
CA ASN A 292 13.32 -18.50 -16.93
C ASN A 292 14.10 -19.58 -17.68
N LYS A 293 15.25 -19.19 -18.21
CA LYS A 293 15.81 -19.97 -19.33
C LYS A 293 16.46 -21.23 -18.78
N GLN A 294 15.69 -22.12 -18.13
CA GLN A 294 16.30 -23.30 -17.47
C GLN A 294 16.94 -24.25 -18.48
N ASP A 295 16.29 -24.51 -19.60
CA ASP A 295 16.85 -25.46 -20.60
C ASP A 295 18.25 -25.01 -21.01
N LEU A 296 18.40 -23.74 -21.37
CA LEU A 296 19.69 -23.17 -21.80
C LEU A 296 20.72 -23.16 -20.66
N LEU A 297 20.32 -22.81 -19.45
CA LEU A 297 21.26 -22.86 -18.31
C LEU A 297 21.84 -24.27 -18.27
N ALA A 298 21.00 -25.29 -18.47
CA ALA A 298 21.46 -26.68 -18.29
C ALA A 298 22.45 -27.04 -19.39
N GLU A 299 22.15 -26.68 -20.63
CA GLU A 299 23.03 -27.06 -21.76
C GLU A 299 24.39 -26.39 -21.56
N LYS A 300 24.40 -25.08 -21.34
CA LYS A 300 25.67 -24.33 -21.13
C LYS A 300 26.49 -24.98 -20.02
N VAL A 301 25.87 -25.24 -18.87
CA VAL A 301 26.63 -25.82 -17.73
C VAL A 301 27.10 -27.24 -18.04
N LEU A 302 26.21 -28.12 -18.50
CA LEU A 302 26.60 -29.53 -18.77
C LEU A 302 27.50 -29.62 -19.99
N ALA A 303 27.09 -28.97 -21.08
CA ALA A 303 27.82 -29.01 -22.36
C ALA A 303 28.83 -27.87 -22.42
N GLY A 304 30.10 -28.16 -22.19
CA GLY A 304 31.15 -27.12 -22.23
C GLY A 304 31.34 -26.49 -20.87
N LYS A 305 32.33 -25.63 -20.73
CA LYS A 305 32.57 -24.93 -19.44
C LYS A 305 32.62 -23.43 -19.72
N SER A 306 31.47 -22.77 -19.69
CA SER A 306 31.48 -21.30 -19.58
C SER A 306 31.42 -21.14 -18.06
N LYS A 307 32.55 -20.85 -17.42
CA LYS A 307 32.57 -20.87 -15.94
C LYS A 307 31.74 -19.73 -15.37
N ILE A 308 30.79 -20.06 -14.50
CA ILE A 308 30.04 -18.98 -13.82
C ILE A 308 31.11 -18.41 -12.91
N GLU A 309 32.14 -19.22 -12.69
CA GLU A 309 33.25 -18.85 -11.79
C GLU A 309 33.94 -17.63 -12.39
N ASP A 310 34.04 -17.57 -13.71
CA ASP A 310 34.63 -16.39 -14.38
C ASP A 310 33.84 -15.14 -13.98
N TYR A 311 32.53 -15.14 -14.26
CA TYR A 311 31.78 -13.92 -14.02
C TYR A 311 31.18 -13.84 -12.63
N PHE A 312 31.17 -14.93 -11.88
CA PHE A 312 30.81 -14.91 -10.47
C PHE A 312 31.85 -15.75 -9.72
N PRO A 313 32.70 -15.12 -8.91
CA PRO A 313 33.84 -15.87 -8.35
C PRO A 313 33.44 -16.88 -7.28
N GLU A 314 32.49 -16.54 -6.43
CA GLU A 314 32.12 -17.39 -5.29
C GLU A 314 31.35 -18.65 -5.70
N PHE A 315 31.23 -18.99 -6.98
CA PHE A 315 30.50 -20.20 -7.35
C PHE A 315 31.34 -21.44 -7.06
N ALA A 316 32.66 -21.34 -7.18
CA ALA A 316 33.51 -22.49 -6.90
C ALA A 316 33.41 -22.91 -5.44
N ARG A 317 33.17 -21.97 -4.53
CA ARG A 317 33.02 -22.25 -3.11
C ARG A 317 31.56 -22.39 -2.70
N TYR A 318 30.71 -22.89 -3.60
CA TYR A 318 29.29 -23.04 -3.36
C TYR A 318 28.90 -24.51 -3.50
N THR A 319 28.11 -25.00 -2.55
CA THR A 319 27.62 -26.37 -2.55
C THR A 319 26.11 -26.41 -2.70
N THR A 320 25.62 -27.41 -3.44
CA THR A 320 24.19 -27.53 -3.67
C THR A 320 23.45 -27.66 -2.34
N PRO A 321 22.41 -26.86 -2.11
CA PRO A 321 21.78 -26.83 -0.79
C PRO A 321 21.10 -28.15 -0.43
N GLU A 322 20.98 -28.40 0.87
CA GLU A 322 20.37 -29.63 1.35
C GLU A 322 18.87 -29.68 1.07
N ASP A 323 18.24 -28.51 1.08
CA ASP A 323 16.80 -28.39 0.76
C ASP A 323 16.66 -28.31 -0.75
N ALA A 324 17.76 -28.57 -1.45
CA ALA A 324 17.68 -28.59 -2.92
C ALA A 324 16.76 -29.74 -3.31
N THR A 325 15.98 -29.55 -4.38
CA THR A 325 15.09 -30.65 -4.86
C THR A 325 15.37 -30.84 -6.34
N PRO A 326 16.55 -31.36 -6.72
CA PRO A 326 16.83 -31.61 -8.12
C PRO A 326 15.75 -32.54 -8.68
N GLU A 327 15.23 -32.22 -9.87
CA GLU A 327 14.16 -33.03 -10.51
C GLU A 327 14.78 -34.32 -11.06
N PRO A 328 13.98 -35.30 -11.52
CA PRO A 328 14.56 -36.57 -11.96
C PRO A 328 15.54 -36.39 -13.13
N GLY A 329 16.73 -36.99 -13.01
CA GLY A 329 17.75 -36.91 -14.08
C GLY A 329 18.48 -35.59 -14.10
N GLU A 330 18.26 -34.73 -13.11
CA GLU A 330 18.87 -33.39 -13.15
C GLU A 330 20.35 -33.51 -12.75
N ASP A 331 21.26 -33.12 -13.66
CA ASP A 331 22.71 -33.31 -13.40
C ASP A 331 23.08 -32.53 -12.15
N PRO A 332 24.09 -32.97 -11.38
CA PRO A 332 24.40 -32.30 -10.13
C PRO A 332 24.89 -30.85 -10.30
N ARG A 333 25.74 -30.56 -11.28
CA ARG A 333 26.32 -29.20 -11.46
C ARG A 333 25.21 -28.21 -11.82
N VAL A 334 24.33 -28.60 -12.75
CA VAL A 334 23.19 -27.73 -13.12
C VAL A 334 22.29 -27.55 -11.89
N THR A 335 22.06 -28.63 -11.14
CA THR A 335 21.26 -28.53 -9.91
C THR A 335 22.03 -27.65 -8.95
N ARG A 336 23.33 -27.53 -9.17
CA ARG A 336 24.07 -26.51 -8.43
C ARG A 336 24.01 -25.16 -9.14
N ALA A 337 23.99 -25.15 -10.47
CA ALA A 337 23.93 -23.89 -11.20
C ALA A 337 22.60 -23.19 -11.00
N LYS A 338 21.51 -23.96 -10.88
CA LYS A 338 20.20 -23.37 -10.65
C LYS A 338 20.15 -22.66 -9.30
N TYR A 339 20.58 -23.33 -8.24
CA TYR A 339 20.43 -22.80 -6.90
C TYR A 339 21.46 -21.72 -6.57
N PHE A 340 22.59 -21.67 -7.28
CA PHE A 340 23.52 -20.57 -7.05
C PHE A 340 22.98 -19.26 -7.60
N ILE A 341 22.34 -19.30 -8.77
CA ILE A 341 21.71 -18.11 -9.33
C ILE A 341 20.47 -17.74 -8.52
N ARG A 342 19.75 -18.73 -8.00
CA ARG A 342 18.60 -18.45 -7.16
C ARG A 342 19.01 -17.79 -5.85
N ASP A 343 20.09 -18.28 -5.24
CA ASP A 343 20.55 -17.73 -3.97
C ASP A 343 21.20 -16.37 -4.12
N GLU A 344 21.52 -15.95 -5.35
CA GLU A 344 22.05 -14.60 -5.55
C GLU A 344 20.95 -13.56 -5.36
N PHE A 345 19.74 -13.85 -5.84
CA PHE A 345 18.61 -12.95 -5.62
C PHE A 345 18.09 -13.04 -4.20
N LEU A 346 18.03 -14.24 -3.64
CA LEU A 346 17.58 -14.41 -2.26
C LEU A 346 18.52 -13.75 -1.26
N ARG A 347 19.79 -13.57 -1.62
CA ARG A 347 20.70 -12.82 -0.75
C ARG A 347 20.28 -11.36 -0.63
N ILE A 348 19.73 -10.78 -1.70
CA ILE A 348 19.28 -9.40 -1.65
C ILE A 348 17.99 -9.28 -0.85
N SER A 349 17.04 -10.18 -1.10
CA SER A 349 15.73 -10.07 -0.45
C SER A 349 15.81 -10.37 1.04
N THR A 350 16.84 -11.09 1.48
CA THR A 350 16.99 -11.35 2.91
C THR A 350 17.79 -10.23 3.58
N ALA A 351 18.82 -9.72 2.91
CA ALA A 351 19.63 -8.65 3.47
C ALA A 351 18.86 -7.34 3.58
N SER A 352 17.80 -7.17 2.81
CA SER A 352 17.02 -5.94 2.79
C SER A 352 15.60 -6.11 3.28
N GLY A 353 14.99 -7.26 3.06
CA GLY A 353 13.60 -7.47 3.44
C GLY A 353 13.42 -7.45 4.95
N ASP A 354 12.66 -6.46 5.42
CA ASP A 354 12.40 -6.28 6.84
C ASP A 354 11.06 -6.86 7.26
N GLY A 355 10.46 -7.74 6.45
CA GLY A 355 9.23 -8.40 6.81
C GLY A 355 7.97 -7.79 6.23
N ARG A 356 8.11 -7.04 5.12
CA ARG A 356 6.98 -6.28 4.49
C ARG A 356 6.76 -6.77 3.06
N HIS A 357 7.83 -7.18 2.38
CA HIS A 357 7.71 -7.73 0.99
C HIS A 357 8.42 -9.08 0.93
N TYR A 358 7.94 -9.99 0.08
CA TYR A 358 8.49 -11.36 0.05
C TYR A 358 8.93 -11.72 -1.37
N CYS A 359 9.66 -12.82 -1.55
CA CYS A 359 10.20 -13.19 -2.88
C CYS A 359 9.89 -14.65 -3.19
N TYR A 360 9.39 -14.94 -4.39
CA TYR A 360 8.94 -16.29 -4.75
C TYR A 360 9.70 -16.77 -5.97
N PRO A 361 10.89 -17.33 -5.78
CA PRO A 361 11.66 -17.83 -6.93
C PRO A 361 11.05 -19.10 -7.52
N HIS A 362 11.15 -19.21 -8.84
CA HIS A 362 10.67 -20.37 -9.57
C HIS A 362 11.64 -20.67 -10.70
N PHE A 363 11.93 -21.96 -10.87
CA PHE A 363 12.84 -22.43 -11.93
C PHE A 363 11.95 -22.63 -13.13
N THR A 364 11.52 -21.52 -13.70
CA THR A 364 10.58 -21.58 -14.83
C THR A 364 11.27 -21.93 -16.12
N CYS A 365 10.52 -22.28 -17.14
CA CYS A 365 11.00 -22.30 -18.54
C CYS A 365 9.92 -21.56 -19.31
N ALA A 366 10.26 -20.79 -20.33
CA ALA A 366 9.23 -19.94 -20.99
C ALA A 366 8.06 -20.78 -21.52
N VAL A 367 8.31 -21.95 -22.07
CA VAL A 367 7.23 -22.80 -22.64
C VAL A 367 6.41 -23.45 -21.53
N ASP A 368 6.85 -23.41 -20.27
CA ASP A 368 6.16 -24.15 -19.17
C ASP A 368 4.69 -23.75 -19.12
N THR A 369 3.79 -24.74 -19.02
CA THR A 369 2.33 -24.47 -18.95
C THR A 369 1.96 -24.14 -17.50
N GLU A 370 2.85 -24.42 -16.57
CA GLU A 370 2.49 -24.31 -15.14
C GLU A 370 2.75 -22.88 -14.65
N ASN A 371 3.20 -21.99 -15.52
CA ASN A 371 3.61 -20.63 -15.05
C ASN A 371 2.40 -19.88 -14.48
N ILE A 372 1.24 -20.03 -15.10
CA ILE A 372 0.00 -19.37 -14.61
C ILE A 372 -0.25 -19.87 -13.19
N ARG A 373 -0.24 -21.19 -13.01
CA ARG A 373 -0.55 -21.80 -11.69
C ARG A 373 0.47 -21.31 -10.68
N ARG A 374 1.74 -21.22 -11.08
CA ARG A 374 2.81 -20.74 -10.17
C ARG A 374 2.46 -19.33 -9.74
N VAL A 375 2.05 -18.48 -10.68
CA VAL A 375 1.69 -17.12 -10.28
C VAL A 375 0.45 -17.13 -9.40
N PHE A 376 -0.50 -18.00 -9.69
CA PHE A 376 -1.73 -18.06 -8.91
C PHE A 376 -1.45 -18.45 -7.46
N ASN A 377 -0.53 -19.40 -7.25
CA ASN A 377 -0.25 -19.87 -5.90
C ASN A 377 0.54 -18.84 -5.10
N ASP A 378 1.42 -18.08 -5.75
CA ASP A 378 2.16 -17.03 -5.07
C ASP A 378 1.29 -15.84 -4.70
N CYS A 379 0.29 -15.52 -5.53
CA CYS A 379 -0.64 -14.46 -5.17
C CYS A 379 -1.57 -14.89 -4.04
N ARG A 380 -1.88 -16.19 -3.96
CA ARG A 380 -2.64 -16.69 -2.83
C ARG A 380 -1.83 -16.58 -1.54
N ASP A 381 -0.52 -16.80 -1.61
CA ASP A 381 0.33 -16.69 -0.43
C ASP A 381 0.55 -15.23 -0.03
N ILE A 382 0.57 -14.32 -1.01
CA ILE A 382 0.79 -12.90 -0.69
C ILE A 382 -0.42 -12.33 0.03
N ILE A 383 -1.62 -12.64 -0.45
CA ILE A 383 -2.83 -12.09 0.14
C ILE A 383 -3.02 -12.63 1.56
N GLN A 384 -2.73 -13.91 1.78
CA GLN A 384 -2.87 -14.49 3.10
C GLN A 384 -1.89 -13.87 4.09
N ARG A 385 -0.67 -13.60 3.65
CA ARG A 385 0.31 -12.99 4.55
C ARG A 385 -0.06 -11.55 4.88
N MET A 386 -0.77 -10.87 3.98
CA MET A 386 -1.24 -9.52 4.27
C MET A 386 -2.34 -9.53 5.31
N HIS A 387 -3.27 -10.47 5.20
CA HIS A 387 -4.36 -10.57 6.18
C HIS A 387 -3.81 -10.94 7.56
N LEU A 388 -2.90 -11.91 7.61
CA LEU A 388 -2.34 -12.34 8.88
C LEU A 388 -1.52 -11.25 9.55
N ARG A 389 -0.98 -10.30 8.79
CA ARG A 389 -0.27 -9.17 9.38
C ARG A 389 -1.21 -8.09 9.88
N GLN A 390 -2.42 -8.00 9.32
CA GLN A 390 -3.41 -7.07 9.86
C GLN A 390 -3.89 -7.52 11.23
N TYR A 391 -4.13 -8.81 11.41
CA TYR A 391 -4.48 -9.37 12.70
C TYR A 391 -3.28 -9.51 13.64
N GLU A 392 -2.09 -9.14 13.17
CA GLU A 392 -0.85 -9.29 13.94
C GLU A 392 -0.60 -10.73 14.35
N LEU A 393 -1.00 -11.67 13.50
CA LEU A 393 -0.75 -13.09 13.70
C LEU A 393 0.55 -13.55 13.06
N LEU A 394 1.26 -12.66 12.36
CA LEU A 394 2.54 -12.99 11.75
C LEU A 394 3.48 -11.79 11.83
N GLU B 3 35.77 17.92 -34.19
CA GLU B 3 36.26 16.94 -33.18
C GLU B 3 35.50 17.14 -31.87
N LEU B 4 34.80 16.10 -31.43
CA LEU B 4 33.99 16.16 -30.18
C LEU B 4 34.80 16.88 -29.09
N ASP B 5 36.09 16.60 -28.96
CA ASP B 5 36.88 17.20 -27.85
C ASP B 5 36.88 18.73 -27.99
N GLN B 6 37.13 19.24 -29.20
CA GLN B 6 37.14 20.71 -29.44
C GLN B 6 35.73 21.28 -29.23
N LEU B 7 34.69 20.58 -29.69
CA LEU B 7 33.28 21.04 -29.52
C LEU B 7 32.95 21.08 -28.04
N ARG B 8 33.43 20.09 -27.28
CA ARG B 8 33.10 20.02 -25.83
C ARG B 8 34.05 20.92 -25.05
N GLN B 9 35.02 21.52 -25.73
CA GLN B 9 35.99 22.43 -25.08
C GLN B 9 35.51 23.89 -25.22
N GLU B 10 35.25 24.34 -26.45
CA GLU B 10 34.48 25.57 -26.63
C GLU B 10 33.21 25.59 -25.79
N ALA B 11 32.72 24.43 -25.36
CA ALA B 11 31.52 24.39 -24.53
C ALA B 11 31.81 24.93 -23.13
N GLU B 12 32.94 24.55 -22.53
CA GLU B 12 33.33 25.14 -21.26
C GLU B 12 33.78 26.59 -21.46
N GLN B 13 34.43 26.87 -22.60
CA GLN B 13 34.75 28.25 -22.94
C GLN B 13 33.50 29.11 -22.99
N LEU B 14 32.38 28.52 -23.40
CA LEU B 14 31.12 29.25 -23.53
C LEU B 14 30.33 29.25 -22.23
N LYS B 15 30.31 28.12 -21.52
CA LYS B 15 29.52 28.00 -20.30
C LYS B 15 30.15 28.69 -19.10
N ASN B 16 31.49 28.70 -19.03
CA ASN B 16 32.14 29.38 -17.90
C ASN B 16 31.94 30.88 -17.94
N GLN B 17 31.77 31.45 -19.13
CA GLN B 17 31.51 32.88 -19.25
C GLN B 17 30.11 33.24 -18.74
N ILE B 18 29.14 32.32 -18.84
CA ILE B 18 27.83 32.57 -18.27
C ILE B 18 27.91 32.65 -16.76
N ARG B 19 28.82 31.87 -16.15
CA ARG B 19 28.99 31.91 -14.70
C ARG B 19 29.45 33.29 -14.24
N ASP B 20 30.41 33.88 -14.95
CA ASP B 20 30.89 35.21 -14.57
C ASP B 20 29.90 36.31 -14.90
N ALA B 21 29.07 36.12 -15.93
CA ALA B 21 28.06 37.12 -16.25
C ALA B 21 27.03 37.25 -15.13
N ARG B 22 26.64 36.13 -14.53
CA ARG B 22 25.72 36.16 -13.40
C ARG B 22 26.41 36.54 -12.11
N LYS B 23 27.66 36.10 -11.92
CA LYS B 23 28.38 36.45 -10.69
C LYS B 23 28.74 37.93 -10.65
N ALA B 24 28.99 38.54 -11.82
CA ALA B 24 29.20 39.99 -11.85
C ALA B 24 27.92 40.74 -11.51
N CYS B 25 26.76 40.20 -11.90
CA CYS B 25 25.48 40.80 -11.56
C CYS B 25 25.14 40.68 -10.08
N ALA B 26 25.90 39.89 -9.32
CA ALA B 26 25.64 39.66 -7.91
C ALA B 26 26.33 40.74 -7.09
N ASP B 27 25.61 41.45 -6.31
CA ASP B 27 26.05 42.68 -5.61
C ASP B 27 25.48 42.68 -4.20
N ALA B 28 24.24 42.07 -4.10
CA ALA B 28 23.51 42.04 -2.83
C ALA B 28 22.49 40.91 -2.88
N THR B 29 22.51 40.05 -1.87
CA THR B 29 21.57 38.93 -1.82
C THR B 29 20.15 39.44 -1.56
N LEU B 30 19.17 38.67 -2.04
CA LEU B 30 17.77 39.02 -1.79
C LEU B 30 17.47 39.01 -0.30
N SER B 31 18.00 38.03 0.44
CA SER B 31 17.85 38.02 1.89
C SER B 31 18.55 39.20 2.54
N GLN B 32 19.54 39.78 1.86
CA GLN B 32 20.25 40.94 2.41
C GLN B 32 19.47 42.23 2.20
N ILE B 33 18.65 42.31 1.13
CA ILE B 33 17.88 43.52 0.87
C ILE B 33 16.50 43.52 1.52
N THR B 34 16.09 42.41 2.12
CA THR B 34 14.81 42.32 2.81
C THR B 34 15.07 42.20 4.31
N ASN B 35 15.31 43.34 4.94
CA ASN B 35 15.37 43.46 6.39
C ASN B 35 14.57 44.63 6.92
N ASN B 36 14.13 45.54 6.06
CA ASN B 36 13.28 46.66 6.42
C ASN B 36 11.81 46.27 6.54
N ILE B 37 11.47 45.03 6.23
CA ILE B 37 10.09 44.57 6.26
C ILE B 37 9.92 43.57 7.40
N ASP B 38 8.68 43.35 7.76
CA ASP B 38 8.30 42.46 8.84
C ASP B 38 7.96 41.07 8.30
N PRO B 39 8.18 40.03 9.10
CA PRO B 39 7.76 38.69 8.70
C PRO B 39 6.24 38.57 8.71
N VAL B 40 5.76 37.48 8.12
CA VAL B 40 4.31 37.24 8.05
C VAL B 40 3.78 36.46 9.25
N GLY B 41 4.65 35.94 10.10
CA GLY B 41 4.22 35.18 11.26
C GLY B 41 3.62 33.83 10.86
N ARG B 42 3.19 33.09 11.87
CA ARG B 42 2.64 31.76 11.64
C ARG B 42 1.35 31.84 10.84
N ILE B 43 1.21 30.95 9.87
CA ILE B 43 0.08 30.93 8.95
C ILE B 43 -0.63 29.59 9.14
N GLN B 44 -1.72 29.60 9.91
CA GLN B 44 -2.48 28.39 10.20
C GLN B 44 -3.62 28.22 9.20
N MET B 45 -3.80 26.99 8.72
CA MET B 45 -4.86 26.65 7.79
C MET B 45 -5.53 25.37 8.24
N ARG B 46 -6.79 25.20 7.87
CA ARG B 46 -7.60 24.09 8.31
C ARG B 46 -8.18 23.33 7.13
N THR B 47 -8.42 22.04 7.34
CA THR B 47 -9.04 21.18 6.33
C THR B 47 -10.52 21.46 6.30
N ARG B 48 -10.96 22.25 5.32
CA ARG B 48 -12.38 22.58 5.21
C ARG B 48 -13.18 21.41 4.66
N ARG B 49 -12.71 20.80 3.58
CA ARG B 49 -13.37 19.65 2.98
C ARG B 49 -12.40 18.49 2.89
N THR B 50 -12.95 17.31 2.63
CA THR B 50 -12.13 16.11 2.42
C THR B 50 -12.84 15.27 1.36
N LEU B 51 -12.26 15.20 0.18
CA LEU B 51 -12.88 14.58 -0.97
C LEU B 51 -12.60 13.08 -0.96
N ARG B 52 -13.67 12.28 -1.02
CA ARG B 52 -13.57 10.83 -0.93
C ARG B 52 -14.32 10.19 -2.08
N GLY B 53 -13.80 9.07 -2.57
CA GLY B 53 -14.42 8.33 -3.65
C GLY B 53 -13.43 7.68 -4.59
N HIS B 54 -12.17 8.05 -4.50
CA HIS B 54 -11.13 7.46 -5.35
C HIS B 54 -10.66 6.15 -4.73
N LEU B 55 -10.52 5.13 -5.57
CA LEU B 55 -10.10 3.81 -5.08
C LEU B 55 -8.60 3.78 -4.81
N ALA B 56 -7.78 4.00 -5.83
CA ALA B 56 -6.34 3.93 -5.71
C ALA B 56 -5.77 5.32 -5.40
N LYS B 57 -4.44 5.43 -5.46
CA LYS B 57 -3.77 6.66 -5.09
C LYS B 57 -4.05 7.78 -6.10
N ILE B 58 -3.99 9.02 -5.61
CA ILE B 58 -4.19 10.20 -6.43
C ILE B 58 -2.82 10.73 -6.85
N TYR B 59 -2.65 10.97 -8.15
CA TYR B 59 -1.37 11.41 -8.67
C TYR B 59 -1.31 12.87 -9.08
N ALA B 60 -2.46 13.41 -9.51
CA ALA B 60 -2.51 14.81 -10.01
C ALA B 60 -3.87 15.46 -9.83
N MET B 61 -3.91 16.78 -9.68
CA MET B 61 -5.18 17.53 -9.57
C MET B 61 -4.98 18.95 -10.11
N HIS B 62 -5.84 19.37 -11.04
CA HIS B 62 -5.77 20.76 -11.54
C HIS B 62 -6.98 21.57 -11.05
N TRP B 63 -6.72 22.74 -10.44
CA TRP B 63 -7.80 23.64 -9.96
C TRP B 63 -8.51 24.29 -11.15
N GLY B 64 -9.78 24.68 -10.96
CA GLY B 64 -10.49 25.43 -12.01
C GLY B 64 -10.41 26.92 -11.77
N THR B 65 -10.38 27.72 -12.84
CA THR B 65 -10.40 29.20 -12.68
C THR B 65 -11.70 29.58 -11.96
N ASP B 66 -12.80 28.96 -12.40
CA ASP B 66 -14.09 29.04 -11.73
C ASP B 66 -13.97 28.79 -10.23
N SER B 67 -12.95 28.03 -9.83
CA SER B 67 -12.72 27.62 -8.44
C SER B 67 -13.92 26.87 -7.87
N ARG B 68 -14.80 26.37 -8.73
CA ARG B 68 -15.95 25.57 -8.33
C ARG B 68 -15.73 24.10 -8.57
N LEU B 69 -15.08 23.74 -9.67
CA LEU B 69 -14.77 22.36 -9.99
C LEU B 69 -13.27 22.15 -9.99
N LEU B 70 -12.88 20.88 -9.94
CA LEU B 70 -11.48 20.48 -10.06
C LEU B 70 -11.44 19.01 -10.42
N VAL B 71 -10.56 18.66 -11.33
CA VAL B 71 -10.44 17.29 -11.81
C VAL B 71 -9.33 16.60 -11.04
N SER B 72 -9.50 15.30 -10.81
CA SER B 72 -8.53 14.49 -10.10
C SER B 72 -8.29 13.20 -10.88
N ALA B 73 -7.03 12.77 -10.92
CA ALA B 73 -6.65 11.55 -11.62
C ALA B 73 -6.12 10.54 -10.63
N SER B 74 -6.71 9.35 -10.62
CA SER B 74 -6.30 8.29 -9.71
C SER B 74 -5.97 7.04 -10.50
N GLN B 75 -4.96 6.31 -10.03
CA GLN B 75 -4.41 5.17 -10.77
C GLN B 75 -5.38 4.01 -10.92
N ASP B 76 -6.57 4.08 -10.33
CA ASP B 76 -7.58 3.05 -10.55
C ASP B 76 -8.33 3.23 -11.87
N GLY B 77 -7.86 4.11 -12.74
CA GLY B 77 -8.49 4.33 -14.03
C GLY B 77 -9.75 5.16 -13.96
N LYS B 78 -9.70 6.28 -13.24
CA LYS B 78 -10.87 7.11 -13.04
C LYS B 78 -10.47 8.58 -13.05
N LEU B 79 -11.20 9.37 -13.85
CA LEU B 79 -11.18 10.82 -13.73
C LEU B 79 -12.44 11.24 -12.98
N ILE B 80 -12.26 12.09 -11.96
CA ILE B 80 -13.37 12.56 -11.14
C ILE B 80 -13.27 14.06 -11.00
N ILE B 81 -14.33 14.78 -11.39
CA ILE B 81 -14.42 16.22 -11.22
C ILE B 81 -15.31 16.49 -10.02
N TRP B 82 -14.80 17.23 -9.05
CA TRP B 82 -15.48 17.49 -7.79
C TRP B 82 -16.13 18.88 -7.81
N ASP B 83 -16.81 19.17 -6.70
CA ASP B 83 -17.37 20.48 -6.41
C ASP B 83 -16.86 20.87 -5.03
N SER B 84 -15.85 21.74 -4.98
CA SER B 84 -15.16 22.06 -3.73
C SER B 84 -16.06 22.68 -2.67
N TYR B 85 -17.32 23.01 -2.98
CA TYR B 85 -18.27 23.52 -1.99
C TYR B 85 -19.25 22.45 -1.54
N THR B 86 -19.74 21.62 -2.45
CA THR B 86 -20.73 20.61 -2.12
C THR B 86 -20.14 19.20 -2.04
N THR B 87 -18.91 19.01 -2.51
CA THR B 87 -18.22 17.72 -2.49
C THR B 87 -18.97 16.66 -3.31
N ASN B 88 -19.82 17.09 -4.24
CA ASN B 88 -20.56 16.16 -5.07
C ASN B 88 -19.72 15.77 -6.30
N LYS B 89 -19.93 14.55 -6.76
CA LYS B 89 -19.21 14.01 -7.92
C LYS B 89 -19.98 14.43 -9.17
N VAL B 90 -19.42 15.39 -9.91
CA VAL B 90 -20.07 15.88 -11.11
C VAL B 90 -19.87 14.92 -12.27
N HIS B 91 -18.64 14.44 -12.45
CA HIS B 91 -18.30 13.56 -13.55
C HIS B 91 -17.45 12.39 -13.06
N ALA B 92 -17.69 11.21 -13.63
CA ALA B 92 -16.87 10.03 -13.37
C ALA B 92 -16.53 9.40 -14.72
N ILE B 93 -15.28 9.47 -15.11
CA ILE B 93 -14.83 9.07 -16.44
C ILE B 93 -14.09 7.74 -16.32
N PRO B 94 -14.62 6.64 -16.85
CA PRO B 94 -13.91 5.35 -16.84
C PRO B 94 -12.86 5.30 -17.95
N LEU B 95 -11.59 5.32 -17.56
CA LEU B 95 -10.51 5.35 -18.53
C LEU B 95 -10.22 3.96 -19.08
N ARG B 96 -9.63 3.93 -20.28
CA ARG B 96 -9.24 2.68 -20.93
C ARG B 96 -7.79 2.31 -20.62
N SER B 97 -7.13 3.06 -19.73
CA SER B 97 -5.79 2.74 -19.28
C SER B 97 -5.65 3.31 -17.88
N SER B 98 -5.54 2.44 -16.88
CA SER B 98 -5.64 2.87 -15.50
C SER B 98 -4.45 3.71 -15.05
N TRP B 99 -3.31 3.58 -15.73
CA TRP B 99 -2.07 4.22 -15.28
C TRP B 99 -2.00 5.62 -15.87
N VAL B 100 -2.50 6.60 -15.12
CA VAL B 100 -2.45 8.01 -15.51
C VAL B 100 -1.61 8.76 -14.49
N MET B 101 -0.94 9.82 -14.95
CA MET B 101 0.02 10.54 -14.12
C MET B 101 -0.20 12.04 -14.08
N THR B 102 -1.20 12.58 -14.77
CA THR B 102 -1.43 14.01 -14.76
C THR B 102 -2.86 14.29 -15.20
N CYS B 103 -3.31 15.52 -14.95
CA CYS B 103 -4.62 15.97 -15.38
C CYS B 103 -4.62 17.49 -15.44
N ALA B 104 -5.52 18.04 -16.25
CA ALA B 104 -5.57 19.47 -16.48
C ALA B 104 -7.01 19.95 -16.55
N TYR B 105 -7.23 21.17 -16.10
CA TYR B 105 -8.52 21.85 -16.16
C TYR B 105 -8.43 22.86 -17.31
N ALA B 106 -9.09 22.55 -18.43
CA ALA B 106 -9.13 23.49 -19.54
C ALA B 106 -9.77 24.79 -19.09
N PRO B 107 -9.25 25.94 -19.51
CA PRO B 107 -9.81 27.23 -19.10
C PRO B 107 -11.21 27.52 -19.64
N SER B 108 -11.80 26.58 -20.40
CA SER B 108 -13.15 26.75 -20.93
C SER B 108 -14.16 25.77 -20.32
N GLY B 109 -13.70 24.76 -19.57
CA GLY B 109 -14.59 23.85 -18.90
C GLY B 109 -15.29 22.83 -19.79
N ASN B 110 -15.03 22.83 -21.09
CA ASN B 110 -15.67 21.88 -22.00
C ASN B 110 -14.91 20.57 -22.12
N TYR B 111 -13.62 20.55 -21.80
CA TYR B 111 -12.80 19.35 -21.91
C TYR B 111 -11.89 19.27 -20.69
N VAL B 112 -11.44 18.05 -20.39
CA VAL B 112 -10.43 17.81 -19.38
C VAL B 112 -9.32 16.96 -19.99
N ALA B 113 -8.10 17.16 -19.50
CA ALA B 113 -6.94 16.45 -20.00
C ALA B 113 -6.38 15.51 -18.95
N CYS B 114 -5.64 14.51 -19.41
CA CYS B 114 -5.00 13.52 -18.55
C CYS B 114 -3.99 12.74 -19.37
N GLY B 115 -3.00 12.18 -18.68
CA GLY B 115 -1.97 11.40 -19.34
C GLY B 115 -1.23 10.52 -18.37
N GLY B 116 -0.58 9.49 -18.92
CA GLY B 116 0.16 8.55 -18.11
C GLY B 116 1.02 7.57 -18.89
N LEU B 117 1.04 6.31 -18.45
CA LEU B 117 1.94 5.29 -19.01
C LEU B 117 1.52 4.79 -20.38
N ASP B 118 0.35 5.17 -20.88
CA ASP B 118 -0.10 4.68 -22.18
C ASP B 118 0.47 5.48 -23.34
N ASN B 119 1.21 6.56 -23.08
CA ASN B 119 1.79 7.40 -24.12
C ASN B 119 0.73 7.98 -25.05
N ILE B 120 -0.47 8.20 -24.53
CA ILE B 120 -1.58 8.76 -25.29
C ILE B 120 -2.27 9.80 -24.43
N CYS B 121 -2.28 11.05 -24.91
CA CYS B 121 -3.02 12.11 -24.24
C CYS B 121 -4.48 12.03 -24.68
N SER B 122 -5.37 11.81 -23.72
CA SER B 122 -6.80 11.66 -23.98
C SER B 122 -7.53 12.94 -23.63
N ILE B 123 -8.38 13.40 -24.53
CA ILE B 123 -9.21 14.58 -24.32
C ILE B 123 -10.67 14.14 -24.36
N TYR B 124 -11.42 14.49 -23.31
CA TYR B 124 -12.80 14.06 -23.16
C TYR B 124 -13.74 15.24 -23.31
N ASN B 125 -14.76 15.07 -24.13
CA ASN B 125 -15.79 16.09 -24.32
C ASN B 125 -16.79 16.02 -23.18
N LEU B 126 -16.69 16.97 -22.24
CA LEU B 126 -17.58 16.96 -21.08
C LEU B 126 -19.02 17.23 -21.49
N LYS B 127 -19.24 18.15 -22.41
CA LYS B 127 -20.58 18.60 -22.80
C LYS B 127 -20.79 18.31 -24.28
N THR B 128 -21.21 17.09 -24.59
CA THR B 128 -21.73 16.74 -25.90
C THR B 128 -23.25 16.82 -25.86
N ARG B 129 -23.84 17.20 -27.00
CA ARG B 129 -25.27 17.50 -27.02
C ARG B 129 -26.14 16.26 -27.08
N GLU B 130 -25.85 15.26 -26.24
CA GLU B 130 -26.83 14.21 -25.94
C GLU B 130 -26.83 13.78 -24.49
N GLY B 131 -25.82 14.13 -23.69
CA GLY B 131 -25.79 13.81 -22.28
C GLY B 131 -24.93 12.64 -21.88
N ASN B 132 -23.69 12.60 -22.40
CA ASN B 132 -22.76 11.52 -22.05
C ASN B 132 -21.34 11.97 -22.33
N VAL B 133 -20.46 11.79 -21.35
CA VAL B 133 -19.04 12.07 -21.53
C VAL B 133 -18.40 10.90 -22.25
N ARG B 134 -17.57 11.20 -23.26
CA ARG B 134 -16.89 10.18 -24.03
C ARG B 134 -15.54 10.72 -24.50
N VAL B 135 -14.69 9.94 -25.15
CA VAL B 135 -13.32 10.48 -25.45
C VAL B 135 -13.32 11.30 -26.74
N SER B 136 -13.11 12.61 -26.63
CA SER B 136 -13.11 13.48 -27.84
C SER B 136 -11.91 13.22 -28.74
N ARG B 137 -10.69 13.18 -28.19
CA ARG B 137 -9.49 13.06 -29.04
C ARG B 137 -8.34 12.36 -28.32
N GLU B 138 -7.52 11.64 -29.07
CA GLU B 138 -6.36 10.92 -28.51
C GLU B 138 -5.14 11.42 -29.27
N LEU B 139 -4.26 12.11 -28.57
CA LEU B 139 -3.06 12.67 -29.22
C LEU B 139 -1.97 11.61 -29.13
N ALA B 140 -1.55 11.05 -30.27
CA ALA B 140 -0.60 9.92 -30.26
C ALA B 140 0.79 10.35 -30.73
N GLY B 141 1.82 10.08 -29.93
CA GLY B 141 3.21 10.47 -30.23
C GLY B 141 3.91 10.50 -28.90
N HIS B 142 5.13 11.02 -28.81
CA HIS B 142 5.79 11.22 -27.48
C HIS B 142 6.55 9.99 -26.98
N THR B 143 6.41 8.81 -27.59
CA THR B 143 7.30 7.67 -27.22
C THR B 143 7.70 7.58 -25.73
N GLY B 144 6.77 7.79 -24.81
CA GLY B 144 7.08 7.78 -23.37
C GLY B 144 5.87 8.19 -22.56
N TYR B 145 6.00 8.21 -21.24
CA TYR B 145 4.87 8.54 -20.36
C TYR B 145 4.56 10.03 -20.49
N LEU B 146 3.31 10.42 -20.30
CA LEU B 146 2.98 11.87 -20.24
C LEU B 146 2.98 12.26 -18.78
N SER B 147 3.92 13.11 -18.41
CA SER B 147 4.18 13.57 -17.05
C SER B 147 3.34 14.78 -16.66
N CYS B 148 3.02 15.65 -17.61
CA CYS B 148 2.26 16.87 -17.32
C CYS B 148 1.68 17.38 -18.63
N CYS B 149 0.42 17.79 -18.61
CA CYS B 149 -0.25 18.37 -19.76
C CYS B 149 -1.06 19.57 -19.31
N ARG B 150 -0.96 20.67 -20.04
CA ARG B 150 -1.71 21.88 -19.75
C ARG B 150 -2.40 22.37 -21.02
N PHE B 151 -3.64 22.82 -20.86
CA PHE B 151 -4.42 23.30 -21.98
C PHE B 151 -4.02 24.72 -22.36
N LEU B 152 -4.04 24.99 -23.66
CA LEU B 152 -3.94 26.35 -24.19
C LEU B 152 -5.30 26.88 -24.60
N ASP B 153 -6.03 26.14 -25.43
CA ASP B 153 -7.41 26.42 -25.76
C ASP B 153 -8.09 25.08 -26.04
N ASP B 154 -9.27 25.13 -26.64
CA ASP B 154 -10.00 23.89 -26.93
C ASP B 154 -9.38 23.10 -28.08
N ASN B 155 -8.30 23.59 -28.71
CA ASN B 155 -7.64 22.84 -29.77
C ASN B 155 -6.13 22.78 -29.64
N GLN B 156 -5.52 23.42 -28.64
CA GLN B 156 -4.08 23.38 -28.45
C GLN B 156 -3.77 22.98 -27.01
N ILE B 157 -2.80 22.09 -26.84
CA ILE B 157 -2.44 21.59 -25.52
C ILE B 157 -0.94 21.25 -25.54
N VAL B 158 -0.23 21.67 -24.49
CA VAL B 158 1.19 21.40 -24.35
C VAL B 158 1.38 20.23 -23.38
N THR B 159 2.16 19.24 -23.79
CA THR B 159 2.41 18.05 -23.00
C THR B 159 3.91 17.91 -22.72
N SER B 160 4.23 17.26 -21.61
CA SER B 160 5.59 16.87 -21.27
C SER B 160 5.62 15.37 -21.05
N SER B 161 6.70 14.74 -21.51
CA SER B 161 6.77 13.28 -21.52
C SER B 161 8.08 12.80 -20.89
N GLY B 162 8.12 11.48 -20.65
CA GLY B 162 9.32 10.83 -20.19
C GLY B 162 10.39 10.65 -21.25
N ASP B 163 10.07 10.94 -22.52
CA ASP B 163 11.05 10.89 -23.60
C ASP B 163 11.87 12.18 -23.68
N THR B 164 11.89 12.96 -22.60
CA THR B 164 12.72 14.15 -22.42
C THR B 164 12.31 15.31 -23.33
N THR B 165 11.12 15.24 -23.93
CA THR B 165 10.64 16.29 -24.82
C THR B 165 9.28 16.82 -24.38
N CYS B 166 8.95 18.00 -24.87
CA CYS B 166 7.61 18.56 -24.81
C CYS B 166 7.02 18.65 -26.20
N ALA B 167 5.71 18.85 -26.28
CA ALA B 167 5.05 18.88 -27.57
C ALA B 167 3.80 19.75 -27.53
N LEU B 168 3.54 20.42 -28.64
CA LEU B 168 2.28 21.12 -28.91
C LEU B 168 1.46 20.29 -29.89
N TRP B 169 0.15 20.28 -29.71
CA TRP B 169 -0.71 19.39 -30.48
C TRP B 169 -1.84 20.16 -31.14
N ASP B 170 -2.48 19.49 -32.11
CA ASP B 170 -3.70 19.95 -32.75
C ASP B 170 -4.77 18.89 -32.54
N ILE B 171 -5.87 19.27 -31.90
CA ILE B 171 -6.87 18.29 -31.49
C ILE B 171 -7.82 17.91 -32.61
N GLU B 172 -8.05 18.78 -33.59
CA GLU B 172 -8.99 18.45 -34.66
C GLU B 172 -8.43 17.39 -35.58
N THR B 173 -7.23 17.61 -36.12
CA THR B 173 -6.61 16.61 -37.00
C THR B 173 -6.04 15.45 -36.19
N GLY B 174 -5.19 15.76 -35.21
CA GLY B 174 -4.58 14.74 -34.39
C GLY B 174 -3.07 14.79 -34.43
N GLN B 175 -2.54 15.61 -35.33
CA GLN B 175 -1.10 15.71 -35.52
C GLN B 175 -0.46 16.51 -34.38
N GLN B 176 0.86 16.35 -34.26
CA GLN B 176 1.65 17.09 -33.29
C GLN B 176 2.25 18.32 -33.96
N THR B 177 2.04 19.48 -33.33
CA THR B 177 2.45 20.75 -33.94
C THR B 177 3.94 21.01 -33.72
N THR B 178 4.36 21.13 -32.47
CA THR B 178 5.70 21.55 -32.11
C THR B 178 6.35 20.48 -31.24
N THR B 179 7.68 20.52 -31.16
CA THR B 179 8.45 19.60 -30.34
C THR B 179 9.55 20.39 -29.64
N PHE B 180 9.62 20.28 -28.32
CA PHE B 180 10.63 20.97 -27.53
C PHE B 180 11.68 19.94 -27.10
N THR B 181 12.89 20.09 -27.64
CA THR B 181 14.00 19.19 -27.34
C THR B 181 15.13 19.94 -26.67
N GLY B 182 15.91 19.22 -25.87
CA GLY B 182 17.05 19.81 -25.18
C GLY B 182 17.27 19.26 -23.79
N HIS B 183 16.22 18.67 -23.20
CA HIS B 183 16.35 18.04 -21.89
C HIS B 183 17.03 16.69 -22.02
N THR B 184 17.94 16.40 -21.09
CA THR B 184 18.62 15.11 -21.05
C THR B 184 17.98 14.14 -20.07
N GLY B 185 16.95 14.56 -19.34
CA GLY B 185 16.24 13.68 -18.43
C GLY B 185 14.74 13.81 -18.62
N ASP B 186 14.02 12.90 -17.95
CA ASP B 186 12.57 12.89 -18.03
C ASP B 186 12.00 14.22 -17.54
N VAL B 187 11.20 14.85 -18.38
CA VAL B 187 10.58 16.13 -18.02
C VAL B 187 9.43 15.86 -17.07
N MET B 188 9.49 16.46 -15.88
CA MET B 188 8.54 16.15 -14.82
C MET B 188 7.36 17.11 -14.80
N SER B 189 7.64 18.41 -14.70
CA SER B 189 6.60 19.42 -14.55
C SER B 189 6.82 20.54 -15.56
N LEU B 190 5.77 21.34 -15.74
CA LEU B 190 5.82 22.55 -16.55
C LEU B 190 4.83 23.54 -15.99
N SER B 191 5.13 24.82 -16.16
CA SER B 191 4.27 25.89 -15.67
C SER B 191 4.18 26.97 -16.74
N LEU B 192 2.98 27.19 -17.27
CA LEU B 192 2.76 28.27 -18.22
C LEU B 192 2.83 29.62 -17.51
N ALA B 193 3.34 30.62 -18.24
CA ALA B 193 3.44 31.96 -17.71
C ALA B 193 2.06 32.60 -17.66
N PRO B 194 1.91 33.71 -16.92
CA PRO B 194 0.62 34.43 -16.95
C PRO B 194 0.18 34.82 -18.35
N ASP B 195 1.03 35.49 -19.12
CA ASP B 195 0.72 35.86 -20.49
C ASP B 195 0.78 34.69 -21.46
N THR B 196 1.25 33.53 -21.01
CA THR B 196 1.46 32.35 -21.85
C THR B 196 2.37 32.66 -23.04
N ARG B 197 3.15 33.73 -22.93
CA ARG B 197 4.21 33.97 -23.91
C ARG B 197 5.38 33.02 -23.68
N LEU B 198 5.71 32.78 -22.41
CA LEU B 198 6.79 31.90 -22.00
C LEU B 198 6.24 30.76 -21.15
N PHE B 199 7.12 29.83 -20.81
CA PHE B 199 6.81 28.79 -19.83
C PHE B 199 8.09 28.08 -19.46
N VAL B 200 8.17 27.63 -18.21
CA VAL B 200 9.35 26.98 -17.67
C VAL B 200 9.09 25.49 -17.55
N SER B 201 10.14 24.68 -17.62
CA SER B 201 10.03 23.19 -17.48
C SER B 201 11.20 22.65 -16.66
N GLY B 202 10.91 21.81 -15.66
CA GLY B 202 11.93 21.15 -14.85
C GLY B 202 11.98 19.66 -15.13
N ALA B 203 13.17 19.12 -15.34
CA ALA B 203 13.35 17.73 -15.72
C ALA B 203 14.23 17.01 -14.72
N CYS B 204 14.50 15.74 -15.00
CA CYS B 204 15.36 14.90 -14.17
C CYS B 204 16.84 15.16 -14.37
N ASP B 205 17.20 16.25 -15.07
CA ASP B 205 18.59 16.63 -15.25
C ASP B 205 19.01 17.74 -14.28
N ALA B 206 18.19 18.02 -13.26
CA ALA B 206 18.48 19.04 -12.25
C ALA B 206 18.64 20.43 -12.89
N SER B 207 17.81 20.72 -13.87
CA SER B 207 17.88 22.00 -14.56
C SER B 207 16.48 22.45 -14.95
N ALA B 208 16.26 23.76 -14.94
CA ALA B 208 15.03 24.37 -15.40
C ALA B 208 15.30 25.13 -16.69
N LYS B 209 14.46 24.89 -17.70
CA LYS B 209 14.62 25.51 -19.00
C LYS B 209 13.43 26.41 -19.31
N LEU B 210 13.72 27.66 -19.67
CA LEU B 210 12.69 28.59 -20.09
C LEU B 210 12.53 28.50 -21.60
N TRP B 211 11.31 28.21 -22.06
CA TRP B 211 11.03 27.95 -23.46
C TRP B 211 10.19 29.07 -24.07
N ASP B 212 9.99 28.97 -25.39
CA ASP B 212 9.12 29.87 -26.12
C ASP B 212 8.16 29.02 -26.94
N VAL B 213 6.87 29.08 -26.60
CA VAL B 213 5.87 28.32 -27.34
C VAL B 213 5.77 28.84 -28.77
N ARG B 214 6.02 30.13 -28.99
CA ARG B 214 5.90 30.72 -30.32
C ARG B 214 6.99 30.20 -31.24
N GLU B 215 8.25 30.45 -30.89
CA GLU B 215 9.35 30.04 -31.76
C GLU B 215 9.68 28.56 -31.58
N GLY B 216 9.93 28.13 -30.34
CA GLY B 216 10.27 26.75 -30.05
C GLY B 216 11.66 26.52 -29.52
N MET B 217 12.44 27.56 -29.25
CA MET B 217 13.80 27.41 -28.77
C MET B 217 13.88 27.71 -27.27
N CYS B 218 14.85 27.09 -26.63
CA CYS B 218 15.08 27.27 -25.20
C CYS B 218 15.73 28.63 -24.98
N ARG B 219 15.00 29.56 -24.36
CA ARG B 219 15.53 30.89 -24.15
C ARG B 219 16.59 30.91 -23.05
N GLN B 220 16.34 30.21 -21.96
CA GLN B 220 17.27 30.20 -20.82
C GLN B 220 17.29 28.81 -20.21
N THR B 221 18.38 28.54 -19.48
CA THR B 221 18.55 27.30 -18.73
C THR B 221 19.03 27.65 -17.34
N PHE B 222 18.31 27.19 -16.32
CA PHE B 222 18.59 27.55 -14.94
C PHE B 222 19.10 26.31 -14.20
N THR B 223 20.18 26.50 -13.45
CA THR B 223 20.80 25.43 -12.68
C THR B 223 21.00 25.90 -11.25
N GLY B 224 21.30 24.95 -10.37
CA GLY B 224 21.46 25.23 -8.96
C GLY B 224 20.91 24.13 -8.09
N HIS B 225 19.92 23.41 -8.61
CA HIS B 225 19.42 22.23 -7.93
C HIS B 225 20.44 21.10 -8.03
N GLU B 226 20.22 20.05 -7.22
CA GLU B 226 21.16 18.95 -7.13
C GLU B 226 20.59 17.61 -7.58
N SER B 227 19.29 17.51 -7.81
CA SER B 227 18.68 16.25 -8.20
C SER B 227 17.50 16.55 -9.10
N ASP B 228 16.69 15.51 -9.38
CA ASP B 228 15.55 15.66 -10.28
C ASP B 228 14.57 16.70 -9.75
N ILE B 229 14.26 17.69 -10.60
CA ILE B 229 13.24 18.67 -10.28
C ILE B 229 11.88 18.06 -10.59
N ASN B 230 11.06 17.90 -9.55
CA ASN B 230 9.76 17.25 -9.70
C ASN B 230 8.63 18.22 -9.96
N ALA B 231 8.80 19.49 -9.62
CA ALA B 231 7.71 20.45 -9.72
C ALA B 231 8.27 21.84 -9.97
N ILE B 232 7.48 22.67 -10.64
CA ILE B 232 7.88 24.01 -11.03
C ILE B 232 6.62 24.86 -11.16
N CYS B 233 6.73 26.12 -10.74
CA CYS B 233 5.60 27.04 -10.83
C CYS B 233 6.13 28.45 -11.08
N PHE B 234 5.33 29.24 -11.80
CA PHE B 234 5.66 30.63 -12.10
C PHE B 234 5.25 31.54 -10.96
N PHE B 235 6.10 32.53 -10.67
CA PHE B 235 5.70 33.62 -9.81
C PHE B 235 4.56 34.40 -10.49
N PRO B 236 3.63 34.95 -9.71
CA PRO B 236 2.49 35.64 -10.33
C PRO B 236 2.88 36.77 -11.26
N ASN B 237 3.93 37.55 -10.93
CA ASN B 237 4.33 38.65 -11.79
C ASN B 237 5.04 38.20 -13.07
N GLY B 238 5.34 36.91 -13.20
CA GLY B 238 5.98 36.37 -14.38
C GLY B 238 7.48 36.56 -14.46
N ASN B 239 8.08 37.33 -13.56
CA ASN B 239 9.50 37.62 -13.59
C ASN B 239 10.32 36.66 -12.72
N ALA B 240 9.71 35.60 -12.21
CA ALA B 240 10.42 34.65 -11.36
C ALA B 240 9.67 33.31 -11.43
N PHE B 241 10.27 32.31 -10.79
CA PHE B 241 9.68 30.98 -10.71
C PHE B 241 10.40 30.19 -9.64
N ALA B 242 9.68 29.24 -9.04
CA ALA B 242 10.21 28.37 -8.00
C ALA B 242 10.18 26.92 -8.46
N THR B 243 11.08 26.12 -7.90
CA THR B 243 11.23 24.73 -8.27
C THR B 243 11.26 23.85 -7.03
N GLY B 244 10.88 22.60 -7.21
CA GLY B 244 10.96 21.60 -6.16
C GLY B 244 11.67 20.36 -6.62
N SER B 245 12.75 19.99 -5.92
CA SER B 245 13.63 18.91 -6.35
C SER B 245 13.64 17.78 -5.33
N ASP B 246 14.40 16.72 -5.66
CA ASP B 246 14.60 15.61 -4.76
C ASP B 246 15.68 15.89 -3.72
N ASP B 247 16.39 17.01 -3.84
CA ASP B 247 17.40 17.39 -2.86
C ASP B 247 16.79 18.08 -1.63
N ALA B 248 15.48 17.94 -1.43
CA ALA B 248 14.79 18.47 -0.24
C ALA B 248 14.93 19.99 -0.14
N THR B 249 14.85 20.67 -1.29
CA THR B 249 15.08 22.11 -1.35
C THR B 249 14.19 22.72 -2.43
N CYS B 250 13.66 23.90 -2.12
CA CYS B 250 12.99 24.76 -3.09
C CYS B 250 13.88 25.96 -3.37
N ARG B 251 13.95 26.37 -4.63
CA ARG B 251 14.74 27.54 -5.03
C ARG B 251 13.86 28.53 -5.79
N LEU B 252 14.12 29.81 -5.59
CA LEU B 252 13.44 30.88 -6.31
C LEU B 252 14.45 31.51 -7.27
N PHE B 253 14.26 31.27 -8.56
CA PHE B 253 15.13 31.87 -9.58
C PHE B 253 14.52 33.19 -10.06
N ASP B 254 15.07 33.73 -11.14
CA ASP B 254 14.58 34.98 -11.70
C ASP B 254 14.95 35.01 -13.18
N LEU B 255 13.95 35.19 -14.04
CA LEU B 255 14.21 35.16 -15.48
C LEU B 255 15.12 36.29 -15.92
N ARG B 256 14.99 37.47 -15.30
CA ARG B 256 15.78 38.62 -15.71
C ARG B 256 17.24 38.49 -15.30
N ALA B 257 17.49 38.22 -14.01
CA ALA B 257 18.86 38.10 -13.53
C ALA B 257 19.49 36.76 -13.88
N ASP B 258 18.71 35.80 -14.37
CA ASP B 258 19.18 34.51 -14.87
C ASP B 258 19.87 33.66 -13.80
N GLN B 259 19.79 34.06 -12.54
CA GLN B 259 20.49 33.35 -11.47
C GLN B 259 19.55 33.16 -10.29
N GLU B 260 19.91 32.21 -9.43
CA GLU B 260 19.10 31.89 -8.26
C GLU B 260 19.10 33.06 -7.28
N LEU B 261 17.93 33.30 -6.68
CA LEU B 261 17.75 34.42 -5.76
C LEU B 261 17.52 34.00 -4.31
N MET B 262 16.89 32.85 -4.07
CA MET B 262 16.61 32.42 -2.71
C MET B 262 16.53 30.91 -2.66
N THR B 263 16.91 30.35 -1.51
CA THR B 263 16.88 28.92 -1.25
C THR B 263 15.98 28.65 -0.05
N TYR B 264 15.01 27.75 -0.23
CA TYR B 264 14.04 27.39 0.81
C TYR B 264 14.31 25.96 1.24
N SER B 265 15.09 25.80 2.31
CA SER B 265 15.46 24.48 2.80
C SER B 265 15.61 24.51 4.32
N HIS B 266 15.46 23.34 4.92
CA HIS B 266 15.63 23.18 6.36
C HIS B 266 16.35 21.87 6.63
N ASP B 267 17.22 21.88 7.64
CA ASP B 267 18.00 20.68 7.95
C ASP B 267 17.10 19.53 8.40
N ASN B 268 15.96 19.85 9.00
CA ASN B 268 14.99 18.81 9.32
C ASN B 268 14.28 18.28 8.08
N ILE B 269 14.41 18.95 6.94
CA ILE B 269 13.78 18.52 5.70
C ILE B 269 14.79 17.72 4.90
N ILE B 270 14.49 16.43 4.68
CA ILE B 270 15.38 15.54 3.94
C ILE B 270 14.65 14.75 2.86
N CYS B 271 13.36 14.96 2.67
CA CYS B 271 12.59 14.27 1.65
C CYS B 271 12.38 15.15 0.43
N GLY B 272 12.06 14.51 -0.69
CA GLY B 272 11.92 15.24 -1.94
C GLY B 272 10.61 16.00 -2.01
N ILE B 273 10.63 17.11 -2.75
CA ILE B 273 9.43 17.89 -2.98
C ILE B 273 8.69 17.35 -4.20
N THR B 274 7.38 17.16 -4.05
CA THR B 274 6.55 16.61 -5.12
C THR B 274 5.71 17.65 -5.84
N SER B 275 5.49 18.81 -5.24
CA SER B 275 4.60 19.82 -5.82
C SER B 275 4.94 21.16 -5.19
N VAL B 276 4.73 22.23 -5.98
CA VAL B 276 4.94 23.59 -5.51
C VAL B 276 3.83 24.48 -6.04
N SER B 277 3.58 25.57 -5.31
CA SER B 277 2.59 26.56 -5.71
C SER B 277 2.89 27.86 -4.97
N PHE B 278 2.46 28.96 -5.58
CA PHE B 278 2.63 30.29 -5.02
C PHE B 278 1.30 30.83 -4.52
N SER B 279 1.38 31.80 -3.62
CA SER B 279 0.19 32.53 -3.23
C SER B 279 -0.25 33.46 -4.36
N LYS B 280 -1.50 33.91 -4.28
CA LYS B 280 -2.00 34.86 -5.28
C LYS B 280 -1.18 36.13 -5.30
N SER B 281 -0.71 36.57 -4.14
CA SER B 281 0.26 37.67 -4.05
C SER B 281 1.70 37.19 -4.16
N GLY B 282 1.92 35.87 -4.26
CA GLY B 282 3.26 35.33 -4.34
C GLY B 282 4.07 35.45 -3.07
N ARG B 283 3.46 35.80 -1.94
CA ARG B 283 4.20 35.97 -0.71
C ARG B 283 4.49 34.64 -0.01
N LEU B 284 3.64 33.64 -0.22
CA LEU B 284 3.79 32.34 0.43
C LEU B 284 4.06 31.29 -0.63
N LEU B 285 5.17 30.56 -0.47
CA LEU B 285 5.50 29.46 -1.34
C LEU B 285 5.12 28.16 -0.65
N LEU B 286 4.10 27.49 -1.19
CA LEU B 286 3.59 26.24 -0.62
C LEU B 286 4.18 25.07 -1.40
N ALA B 287 4.64 24.05 -0.68
CA ALA B 287 5.29 22.90 -1.29
C ALA B 287 4.79 21.62 -0.65
N GLY B 288 4.57 20.60 -1.47
CA GLY B 288 4.21 19.28 -1.00
C GLY B 288 5.44 18.39 -0.93
N TYR B 289 5.55 17.63 0.15
CA TYR B 289 6.74 16.84 0.43
C TYR B 289 6.41 15.36 0.43
N ASP B 290 7.48 14.55 0.45
CA ASP B 290 7.34 13.10 0.50
C ASP B 290 6.97 12.58 1.88
N ASP B 291 7.23 13.38 2.94
CA ASP B 291 6.95 12.96 4.31
C ASP B 291 5.51 13.27 4.74
N PHE B 292 4.59 13.38 3.77
CA PHE B 292 3.14 13.52 3.95
C PHE B 292 2.73 14.93 4.35
N ASN B 293 3.67 15.87 4.47
CA ASN B 293 3.37 17.21 4.94
C ASN B 293 3.44 18.21 3.80
N CYS B 294 2.99 19.43 4.08
CA CYS B 294 3.04 20.55 3.14
C CYS B 294 3.50 21.78 3.90
N ASN B 295 4.64 22.32 3.52
CA ASN B 295 5.22 23.45 4.22
C ASN B 295 4.79 24.76 3.58
N VAL B 296 4.71 25.80 4.41
CA VAL B 296 4.38 27.16 3.97
C VAL B 296 5.64 28.00 4.17
N TRP B 297 6.24 28.42 3.07
CA TRP B 297 7.47 29.21 3.10
C TRP B 297 7.16 30.69 2.91
N ASP B 298 7.95 31.54 3.54
CA ASP B 298 7.92 32.97 3.26
C ASP B 298 8.85 33.21 2.08
N ALA B 299 8.26 33.42 0.90
CA ALA B 299 9.04 33.55 -0.33
C ALA B 299 9.99 34.74 -0.32
N LEU B 300 9.83 35.69 0.60
CA LEU B 300 10.65 36.89 0.60
C LEU B 300 11.75 36.86 1.66
N LYS B 301 11.61 36.04 2.69
CA LYS B 301 12.62 35.95 3.75
C LYS B 301 13.12 34.53 3.98
N ALA B 302 12.68 33.57 3.17
CA ALA B 302 13.12 32.17 3.22
C ALA B 302 12.76 31.48 4.54
N ASP B 303 11.96 32.11 5.39
CA ASP B 303 11.56 31.49 6.64
C ASP B 303 10.36 30.57 6.42
N ARG B 304 10.11 29.73 7.42
CA ARG B 304 8.91 28.91 7.47
C ARG B 304 7.83 29.65 8.24
N ALA B 305 6.57 29.44 7.83
CA ALA B 305 5.46 30.12 8.48
C ALA B 305 4.25 29.23 8.70
N GLY B 306 4.31 27.95 8.38
CA GLY B 306 3.16 27.08 8.58
C GLY B 306 3.31 25.72 7.92
N VAL B 307 2.53 24.76 8.39
CA VAL B 307 2.53 23.39 7.85
C VAL B 307 1.10 22.96 7.62
N LEU B 308 0.87 22.25 6.53
CA LEU B 308 -0.43 21.63 6.23
C LEU B 308 -0.26 20.13 6.45
N ALA B 309 -0.45 19.70 7.69
CA ALA B 309 -0.19 18.32 8.10
C ALA B 309 -1.54 17.63 8.36
N GLY B 310 -2.08 17.00 7.32
CA GLY B 310 -3.31 16.25 7.49
C GLY B 310 -3.39 15.01 6.62
N HIS B 311 -2.30 14.67 5.95
CA HIS B 311 -2.29 13.58 4.98
C HIS B 311 -1.57 12.36 5.54
N ASP B 312 -2.03 11.18 5.12
CA ASP B 312 -1.52 9.91 5.62
C ASP B 312 -0.47 9.29 4.70
N ASN B 313 -0.58 9.50 3.39
CA ASN B 313 0.40 9.02 2.44
C ASN B 313 1.03 10.21 1.72
N ARG B 314 1.88 9.92 0.74
CA ARG B 314 2.69 10.94 0.10
C ARG B 314 1.82 11.99 -0.59
N VAL B 315 2.10 13.26 -0.30
CA VAL B 315 1.40 14.36 -0.95
C VAL B 315 1.88 14.45 -2.40
N SER B 316 1.01 14.12 -3.35
CA SER B 316 1.41 14.04 -4.74
C SER B 316 1.21 15.34 -5.51
N CYS B 317 0.13 16.07 -5.26
CA CYS B 317 -0.19 17.27 -6.01
C CYS B 317 -0.56 18.40 -5.05
N LEU B 318 -0.52 19.61 -5.57
CA LEU B 318 -0.79 20.82 -4.80
C LEU B 318 -1.36 21.86 -5.75
N GLY B 319 -1.76 23.01 -5.21
CA GLY B 319 -2.26 24.08 -6.05
C GLY B 319 -3.20 25.05 -5.36
N VAL B 320 -3.17 26.30 -5.81
CA VAL B 320 -4.04 27.36 -5.29
C VAL B 320 -5.05 27.71 -6.37
N THR B 321 -6.27 28.01 -5.96
CA THR B 321 -7.30 28.46 -6.89
C THR B 321 -6.91 29.78 -7.52
N ASP B 322 -7.54 30.09 -8.66
CA ASP B 322 -7.33 31.38 -9.29
C ASP B 322 -7.81 32.52 -8.41
N ASP B 323 -8.80 32.26 -7.55
CA ASP B 323 -9.24 33.25 -6.58
C ASP B 323 -8.11 33.59 -5.60
N GLY B 324 -7.47 32.56 -5.05
CA GLY B 324 -6.31 32.76 -4.20
C GLY B 324 -6.50 32.36 -2.74
N MET B 325 -7.62 31.72 -2.38
CA MET B 325 -7.86 31.34 -1.00
C MET B 325 -7.70 29.84 -0.79
N ALA B 326 -8.42 29.02 -1.55
CA ALA B 326 -8.38 27.58 -1.33
C ALA B 326 -7.07 26.98 -1.84
N VAL B 327 -6.60 25.97 -1.11
CA VAL B 327 -5.43 25.19 -1.49
C VAL B 327 -5.86 23.73 -1.47
N ALA B 328 -5.78 23.06 -2.61
CA ALA B 328 -6.11 21.65 -2.68
C ALA B 328 -4.83 20.82 -2.60
N THR B 329 -4.93 19.68 -1.93
CA THR B 329 -3.82 18.75 -1.80
C THR B 329 -4.33 17.34 -2.08
N GLY B 330 -3.72 16.67 -3.05
CA GLY B 330 -3.94 15.27 -3.28
C GLY B 330 -2.83 14.44 -2.66
N SER B 331 -3.11 13.16 -2.45
CA SER B 331 -2.13 12.29 -1.82
C SER B 331 -2.39 10.85 -2.26
N TRP B 332 -1.45 9.98 -1.92
CA TRP B 332 -1.55 8.57 -2.25
C TRP B 332 -2.53 7.82 -1.36
N ASP B 333 -3.17 8.51 -0.41
CA ASP B 333 -4.17 7.91 0.45
C ASP B 333 -5.58 7.97 -0.13
N SER B 334 -5.71 8.33 -1.42
CA SER B 334 -6.95 8.40 -2.18
C SER B 334 -7.84 9.58 -1.80
N PHE B 335 -7.33 10.55 -1.04
CA PHE B 335 -8.16 11.63 -0.51
C PHE B 335 -7.59 13.00 -0.89
N LEU B 336 -8.49 13.92 -1.22
CA LEU B 336 -8.16 15.31 -1.49
C LEU B 336 -8.64 16.18 -0.33
N LYS B 337 -7.95 17.29 -0.11
CA LYS B 337 -8.24 18.17 1.00
C LYS B 337 -8.14 19.62 0.55
N ILE B 338 -9.12 20.44 0.94
CA ILE B 338 -9.13 21.86 0.68
C ILE B 338 -8.67 22.58 1.95
N TRP B 339 -7.65 23.42 1.81
CA TRP B 339 -7.08 24.16 2.92
C TRP B 339 -7.39 25.64 2.80
N ASN B 340 -7.44 26.31 3.95
CA ASN B 340 -7.79 27.72 3.99
C ASN B 340 -7.28 28.38 5.26
N THR C 2 29.60 11.21 -36.83
CA THR C 2 29.10 10.68 -35.57
C THR C 2 27.82 11.40 -35.15
N ALA C 3 26.89 10.65 -34.56
CA ALA C 3 25.64 11.27 -34.10
C ALA C 3 25.88 12.26 -32.97
N SER C 4 26.82 11.96 -32.08
CA SER C 4 27.11 12.89 -30.99
C SER C 4 27.83 14.13 -31.49
N ILE C 5 28.51 14.04 -32.64
CA ILE C 5 29.04 15.24 -33.28
C ILE C 5 27.91 16.19 -33.63
N ALA C 6 26.81 15.66 -34.17
CA ALA C 6 25.63 16.48 -34.39
C ALA C 6 25.02 16.95 -33.08
N GLN C 7 25.01 16.08 -32.07
CA GLN C 7 24.53 16.48 -30.75
C GLN C 7 25.43 17.53 -30.11
N ALA C 8 26.72 17.56 -30.48
CA ALA C 8 27.59 18.63 -30.02
C ALA C 8 27.44 19.88 -30.86
N ARG C 9 26.94 19.74 -32.10
CA ARG C 9 26.62 20.90 -32.92
C ARG C 9 25.37 21.61 -32.41
N LYS C 10 24.41 20.86 -31.89
CA LYS C 10 23.18 21.54 -31.37
C LYS C 10 23.50 22.15 -30.00
N LEU C 11 24.26 21.42 -29.18
CA LEU C 11 24.36 21.77 -27.76
C LEU C 11 25.00 23.13 -27.57
N VAL C 12 26.13 23.39 -28.24
CA VAL C 12 26.79 24.67 -28.10
C VAL C 12 26.10 25.76 -28.91
N GLU C 13 25.28 25.38 -29.89
CA GLU C 13 24.46 26.37 -30.59
C GLU C 13 23.42 26.97 -29.66
N GLN C 14 22.83 26.15 -28.81
CA GLN C 14 21.85 26.61 -27.84
C GLN C 14 22.50 27.19 -26.59
N LEU C 15 23.84 27.12 -26.54
CA LEU C 15 24.60 27.64 -25.37
C LEU C 15 25.15 29.02 -25.72
N LYS C 16 25.51 29.23 -26.99
CA LYS C 16 25.94 30.58 -27.43
C LYS C 16 24.78 31.55 -27.26
N MET C 17 23.56 31.11 -27.57
CA MET C 17 22.34 31.99 -27.46
C MET C 17 22.02 32.32 -26.00
N GLU C 18 22.63 31.62 -25.06
CA GLU C 18 22.30 31.82 -23.62
C GLU C 18 23.45 32.53 -22.89
N ALA C 19 24.41 33.09 -23.62
CA ALA C 19 25.51 33.82 -23.00
C ALA C 19 25.38 35.33 -23.18
N ASN C 20 24.89 35.75 -24.34
CA ASN C 20 24.71 37.17 -24.64
C ASN C 20 23.25 37.53 -24.41
N ILE C 21 22.92 37.88 -23.17
CA ILE C 21 21.57 38.26 -22.79
C ILE C 21 21.65 39.45 -21.83
N ASP C 22 20.52 40.14 -21.70
CA ASP C 22 20.43 41.32 -20.83
C ASP C 22 20.24 40.84 -19.39
N ARG C 23 21.32 40.84 -18.62
CA ARG C 23 21.29 40.40 -17.23
C ARG C 23 21.21 41.64 -16.33
N ILE C 24 20.05 41.82 -15.69
CA ILE C 24 19.88 42.91 -14.74
C ILE C 24 20.52 42.50 -13.41
N LYS C 25 20.70 43.46 -12.51
CA LYS C 25 21.32 43.19 -11.23
C LYS C 25 20.40 42.35 -10.35
N VAL C 26 20.96 41.86 -9.25
CA VAL C 26 20.15 41.18 -8.24
C VAL C 26 19.51 42.17 -7.27
N SER C 27 20.19 43.29 -7.00
CA SER C 27 19.59 44.35 -6.19
C SER C 27 18.41 44.99 -6.91
N LYS C 28 18.34 44.84 -8.22
CA LYS C 28 17.18 45.34 -8.97
C LYS C 28 16.14 44.24 -9.18
N ALA C 29 16.58 42.98 -9.26
CA ALA C 29 15.63 41.88 -9.46
C ALA C 29 14.90 41.54 -8.17
N ALA C 30 15.55 41.74 -7.02
CA ALA C 30 14.93 41.43 -5.74
C ALA C 30 14.17 42.61 -5.15
N ALA C 31 14.55 43.83 -5.50
CA ALA C 31 13.79 45.00 -5.05
C ALA C 31 12.44 45.08 -5.74
N ASP C 32 12.40 44.75 -7.03
CA ASP C 32 11.14 44.72 -7.76
C ASP C 32 10.34 43.45 -7.49
N LEU C 33 10.87 42.52 -6.69
CA LEU C 33 10.13 41.34 -6.27
C LEU C 33 9.31 41.62 -5.02
N MET C 34 9.83 42.42 -4.10
CA MET C 34 9.07 42.85 -2.94
C MET C 34 8.10 43.98 -3.26
N ALA C 35 8.11 44.48 -4.50
CA ALA C 35 7.10 45.45 -4.91
C ALA C 35 5.80 44.76 -5.28
N TYR C 36 5.87 43.65 -6.02
CA TYR C 36 4.69 42.84 -6.28
C TYR C 36 4.15 42.19 -5.01
N CYS C 37 4.96 42.14 -3.95
CA CYS C 37 4.49 41.60 -2.68
C CYS C 37 3.75 42.65 -1.86
N GLU C 38 4.26 43.88 -1.84
CA GLU C 38 3.61 44.98 -1.14
C GLU C 38 2.58 45.71 -2.00
N ALA C 39 2.13 45.08 -3.08
CA ALA C 39 1.08 45.64 -3.93
C ALA C 39 -0.03 44.64 -4.22
N HIS C 40 0.10 43.38 -3.81
CA HIS C 40 -0.96 42.41 -3.96
C HIS C 40 -1.32 41.73 -2.64
N ALA C 41 -0.72 42.15 -1.53
CA ALA C 41 -0.92 41.47 -0.26
C ALA C 41 -2.36 41.54 0.19
N LYS C 42 -2.98 42.72 0.09
CA LYS C 42 -4.36 42.88 0.54
C LYS C 42 -5.32 42.06 -0.32
N GLU C 43 -4.91 41.69 -1.52
CA GLU C 43 -5.69 40.80 -2.37
C GLU C 43 -5.38 39.33 -2.12
N ASP C 44 -4.47 39.03 -1.17
CA ASP C 44 -4.10 37.65 -0.88
C ASP C 44 -4.97 37.15 0.27
N PRO C 45 -5.92 36.24 0.02
CA PRO C 45 -6.75 35.74 1.13
C PRO C 45 -5.99 34.89 2.13
N LEU C 46 -4.84 34.34 1.75
CA LEU C 46 -4.07 33.47 2.63
C LEU C 46 -3.02 34.21 3.43
N LEU C 47 -2.62 35.40 2.99
CA LEU C 47 -1.65 36.19 3.76
C LEU C 47 -2.27 36.74 5.03
N THR C 48 -3.41 37.42 4.91
CA THR C 48 -4.08 38.06 6.02
C THR C 48 -5.36 37.32 6.35
N PRO C 49 -5.64 37.06 7.63
CA PRO C 49 -6.85 36.31 7.97
C PRO C 49 -8.11 37.06 7.57
N VAL C 50 -9.02 36.35 6.91
CA VAL C 50 -10.28 36.91 6.39
C VAL C 50 -11.40 36.45 7.31
N PRO C 51 -12.46 37.25 7.50
CA PRO C 51 -13.60 36.80 8.30
C PRO C 51 -14.17 35.47 7.82
N ALA C 52 -14.94 34.85 8.72
CA ALA C 52 -15.33 33.45 8.56
C ALA C 52 -16.37 33.25 7.47
N SER C 53 -17.49 33.98 7.55
CA SER C 53 -18.60 33.76 6.63
C SER C 53 -18.30 34.21 5.20
N GLU C 54 -17.12 34.77 4.95
CA GLU C 54 -16.76 35.14 3.58
C GLU C 54 -16.25 33.93 2.80
N ASN C 55 -15.66 32.96 3.48
CA ASN C 55 -15.10 31.80 2.80
C ASN C 55 -16.20 30.82 2.44
N PRO C 56 -16.36 30.46 1.17
CA PRO C 56 -17.33 29.41 0.80
C PRO C 56 -16.96 28.03 1.32
N PHE C 57 -15.81 27.89 1.98
CA PHE C 57 -15.37 26.63 2.58
C PHE C 57 -15.57 26.60 4.08
N ARG C 58 -15.70 27.79 4.68
CA ARG C 58 -16.34 27.89 6.02
C ARG C 58 -17.85 27.59 5.88
N GLN D 1 26.21 23.72 -10.83
CA GLN D 1 25.40 22.60 -11.26
C GLN D 1 26.12 21.27 -11.05
N VAL D 2 25.38 20.18 -11.21
CA VAL D 2 25.92 18.84 -11.00
C VAL D 2 26.92 18.56 -12.12
N GLN D 3 28.20 18.48 -11.78
CA GLN D 3 29.26 18.23 -12.74
C GLN D 3 30.24 17.22 -12.15
N LEU D 4 30.56 16.19 -12.93
CA LEU D 4 31.49 15.13 -12.54
C LEU D 4 32.61 15.07 -13.56
N GLN D 5 33.83 15.32 -13.12
CA GLN D 5 35.01 15.36 -13.99
C GLN D 5 35.93 14.20 -13.64
N GLU D 6 36.12 13.28 -14.58
CA GLU D 6 36.99 12.14 -14.39
C GLU D 6 38.39 12.42 -14.93
N SER D 7 39.40 11.96 -14.20
CA SER D 7 40.80 12.11 -14.59
C SER D 7 41.49 10.76 -14.52
N GLY D 8 42.73 10.71 -14.99
CA GLY D 8 43.48 9.47 -15.05
C GLY D 8 43.03 8.60 -16.21
N GLY D 9 43.76 7.52 -16.41
CA GLY D 9 43.49 6.58 -17.47
C GLY D 9 44.54 6.64 -18.57
N GLY D 10 44.15 6.12 -19.73
CA GLY D 10 45.01 6.07 -20.89
C GLY D 10 45.46 4.65 -21.19
N LEU D 11 46.40 4.54 -22.12
CA LEU D 11 46.91 3.24 -22.51
C LEU D 11 47.89 2.71 -21.47
N VAL D 12 47.78 1.42 -21.16
CA VAL D 12 48.62 0.79 -20.16
C VAL D 12 48.86 -0.66 -20.57
N GLN D 13 49.94 -1.23 -20.06
CA GLN D 13 50.32 -2.60 -20.34
C GLN D 13 49.51 -3.57 -19.48
N PRO D 14 49.31 -4.80 -19.95
CA PRO D 14 48.60 -5.79 -19.13
C PRO D 14 49.33 -6.05 -17.82
N GLY D 15 48.55 -6.37 -16.79
CA GLY D 15 49.09 -6.55 -15.46
C GLY D 15 49.47 -5.28 -14.74
N GLY D 16 49.24 -4.12 -15.35
CA GLY D 16 49.58 -2.85 -14.74
C GLY D 16 48.52 -2.38 -13.76
N SER D 17 48.67 -1.13 -13.34
CA SER D 17 47.74 -0.51 -12.41
C SER D 17 47.32 0.85 -12.96
N LEU D 18 46.23 1.38 -12.40
CA LEU D 18 45.72 2.67 -12.85
C LEU D 18 44.90 3.29 -11.72
N ARG D 19 45.05 4.60 -11.55
CA ARG D 19 44.35 5.36 -10.51
C ARG D 19 43.40 6.34 -11.19
N LEU D 20 42.10 6.06 -11.11
CA LEU D 20 41.07 6.91 -11.68
C LEU D 20 40.49 7.81 -10.59
N SER D 21 40.34 9.10 -10.90
CA SER D 21 39.81 10.06 -9.97
C SER D 21 38.60 10.77 -10.56
N CYS D 22 37.66 11.13 -9.69
CA CYS D 22 36.41 11.78 -10.09
C CYS D 22 36.20 12.98 -9.17
N ALA D 23 36.35 14.17 -9.71
CA ALA D 23 36.16 15.41 -8.96
C ALA D 23 34.72 15.89 -9.13
N ALA D 24 34.02 16.09 -8.03
CA ALA D 24 32.63 16.48 -8.04
C ALA D 24 32.46 17.93 -7.61
N SER D 25 31.40 18.56 -8.11
CA SER D 25 31.07 19.92 -7.75
C SER D 25 29.61 20.17 -8.11
N GLY D 26 28.96 21.04 -7.34
CA GLY D 26 27.56 21.36 -7.56
C GLY D 26 26.58 20.57 -6.73
N PHE D 27 27.05 19.82 -5.73
CA PHE D 27 26.15 19.09 -4.83
C PHE D 27 26.95 18.71 -3.58
N THR D 28 26.21 18.31 -2.55
CA THR D 28 26.83 17.84 -1.31
C THR D 28 27.24 16.39 -1.52
N PHE D 29 28.55 16.17 -1.68
CA PHE D 29 29.06 14.83 -1.97
C PHE D 29 28.70 13.83 -0.88
N SER D 30 28.67 14.28 0.38
CA SER D 30 28.45 13.38 1.51
C SER D 30 27.04 12.84 1.59
N ASN D 31 26.12 13.33 0.75
CA ASN D 31 24.72 12.90 0.81
C ASN D 31 24.37 11.83 -0.21
N TYR D 32 25.25 11.54 -1.15
CA TYR D 32 24.91 10.68 -2.28
C TYR D 32 25.76 9.42 -2.27
N LYS D 33 25.22 8.37 -2.89
CA LYS D 33 25.96 7.15 -3.18
C LYS D 33 26.61 7.28 -4.55
N MET D 34 27.84 6.78 -4.66
CA MET D 34 28.60 6.91 -5.89
C MET D 34 28.74 5.55 -6.57
N ASN D 35 29.06 5.59 -7.87
CA ASN D 35 29.22 4.39 -8.67
C ASN D 35 30.36 4.60 -9.65
N TRP D 36 30.86 3.48 -10.17
CA TRP D 36 31.78 3.47 -11.31
C TRP D 36 31.17 2.60 -12.39
N VAL D 37 31.13 3.11 -13.61
CA VAL D 37 30.50 2.42 -14.74
C VAL D 37 31.49 2.44 -15.91
N ARG D 38 31.37 1.43 -16.77
CA ARG D 38 32.25 1.31 -17.92
C ARG D 38 31.44 0.86 -19.13
N GLN D 39 31.95 1.20 -20.32
CA GLN D 39 31.31 0.83 -21.58
C GLN D 39 32.37 0.21 -22.49
N ALA D 40 32.34 -1.10 -22.65
CA ALA D 40 33.28 -1.78 -23.52
C ALA D 40 33.00 -1.44 -24.98
N PRO D 41 34.03 -1.45 -25.83
CA PRO D 41 33.82 -1.16 -27.26
C PRO D 41 32.89 -2.20 -27.89
N GLY D 42 31.80 -1.69 -28.48
CA GLY D 42 30.82 -2.57 -29.07
C GLY D 42 29.94 -3.29 -28.08
N LYS D 43 29.63 -2.67 -26.94
CA LYS D 43 28.81 -3.30 -25.92
C LYS D 43 28.18 -2.20 -25.07
N GLY D 44 27.12 -2.58 -24.35
CA GLY D 44 26.41 -1.64 -23.50
C GLY D 44 27.18 -1.30 -22.25
N LEU D 45 26.56 -0.44 -21.45
CA LEU D 45 27.18 -0.03 -20.19
C LEU D 45 27.05 -1.14 -19.15
N GLU D 46 28.06 -1.23 -18.28
CA GLU D 46 28.10 -2.26 -17.24
C GLU D 46 28.54 -1.62 -15.94
N TRP D 47 27.76 -1.84 -14.88
CA TRP D 47 28.10 -1.32 -13.58
C TRP D 47 29.33 -2.04 -13.04
N VAL D 48 30.26 -1.26 -12.47
CA VAL D 48 31.53 -1.78 -11.97
C VAL D 48 31.53 -1.87 -10.45
N SER D 49 31.37 -0.75 -9.77
CA SER D 49 31.42 -0.73 -8.31
C SER D 49 30.57 0.42 -7.79
N ASP D 50 30.40 0.46 -6.48
CA ASP D 50 29.64 1.52 -5.83
C ASP D 50 30.07 1.65 -4.38
N ILE D 51 30.02 2.87 -3.86
CA ILE D 51 30.37 3.16 -2.48
C ILE D 51 29.27 4.04 -1.88
N SER D 52 29.00 3.82 -0.60
CA SER D 52 27.92 4.53 0.08
C SER D 52 28.37 5.95 0.42
N GLN D 53 27.55 6.67 1.19
CA GLN D 53 27.84 8.06 1.51
C GLN D 53 29.11 8.17 2.35
N SER D 54 29.21 7.41 3.43
CA SER D 54 30.39 7.44 4.28
C SER D 54 31.47 6.46 3.84
N GLY D 55 31.10 5.41 3.12
CA GLY D 55 32.05 4.40 2.68
C GLY D 55 31.96 3.09 3.41
N ALA D 56 31.07 2.97 4.39
CA ALA D 56 30.92 1.75 5.18
C ALA D 56 30.21 0.64 4.43
N SER D 57 30.01 0.78 3.12
CA SER D 57 29.38 -0.26 2.32
C SER D 57 29.91 -0.14 0.89
N ILE D 58 30.63 -1.16 0.44
CA ILE D 58 31.29 -1.15 -0.85
C ILE D 58 30.90 -2.42 -1.60
N SER D 59 30.68 -2.30 -2.92
CA SER D 59 30.28 -3.42 -3.74
C SER D 59 31.10 -3.43 -5.02
N TYR D 60 31.26 -4.62 -5.60
CA TYR D 60 31.99 -4.80 -6.84
C TYR D 60 31.25 -5.81 -7.71
N THR D 61 31.48 -5.72 -9.01
CA THR D 61 30.93 -6.71 -9.92
C THR D 61 31.73 -8.01 -9.84
N GLY D 62 31.20 -9.06 -10.47
CA GLY D 62 31.78 -10.38 -10.33
C GLY D 62 33.01 -10.64 -11.17
N SER D 63 33.69 -9.59 -11.62
CA SER D 63 34.89 -9.75 -12.42
C SER D 63 36.01 -8.79 -12.05
N VAL D 64 35.85 -7.98 -11.00
CA VAL D 64 36.88 -7.06 -10.57
C VAL D 64 37.19 -7.17 -9.09
N LYS D 65 36.56 -8.10 -8.37
CA LYS D 65 36.74 -8.18 -6.92
C LYS D 65 38.19 -8.51 -6.58
N GLY D 66 38.74 -7.77 -5.63
CA GLY D 66 40.12 -7.93 -5.23
C GLY D 66 41.08 -7.06 -6.02
N ARG D 67 40.79 -6.87 -7.31
CA ARG D 67 41.64 -6.05 -8.16
C ARG D 67 41.34 -4.57 -8.01
N PHE D 68 40.08 -4.19 -8.19
CA PHE D 68 39.69 -2.79 -8.09
C PHE D 68 39.32 -2.46 -6.65
N THR D 69 39.48 -1.19 -6.29
CA THR D 69 39.07 -0.71 -4.98
C THR D 69 38.68 0.77 -5.10
N ILE D 70 37.52 1.10 -4.56
CA ILE D 70 36.92 2.43 -4.71
C ILE D 70 36.90 3.11 -3.35
N SER D 71 37.26 4.39 -3.34
CA SER D 71 37.29 5.18 -2.11
C SER D 71 36.84 6.59 -2.43
N ARG D 72 36.40 7.31 -1.40
CA ARG D 72 35.92 8.67 -1.55
C ARG D 72 36.37 9.52 -0.38
N ASP D 73 36.73 10.77 -0.68
CA ASP D 73 37.09 11.76 0.32
C ASP D 73 35.97 12.81 0.33
N ASN D 74 35.08 12.69 1.33
CA ASN D 74 33.93 13.59 1.38
C ASN D 74 34.34 15.02 1.70
N ALA D 75 35.52 15.21 2.31
CA ALA D 75 35.98 16.56 2.63
C ALA D 75 36.50 17.30 1.41
N LYS D 76 36.79 16.59 0.32
CA LYS D 76 37.28 17.22 -0.91
C LYS D 76 36.48 16.82 -2.14
N ASN D 77 35.37 16.11 -1.98
CA ASN D 77 34.46 15.76 -3.06
C ASN D 77 35.20 15.04 -4.19
N THR D 78 35.77 13.88 -3.85
CA THR D 78 36.56 13.10 -4.79
C THR D 78 36.17 11.63 -4.70
N LEU D 79 36.11 10.96 -5.85
CA LEU D 79 35.83 9.53 -5.93
C LEU D 79 36.99 8.87 -6.65
N TYR D 80 37.59 7.87 -6.02
CA TYR D 80 38.73 7.16 -6.57
C TYR D 80 38.33 5.77 -7.03
N LEU D 81 39.16 5.22 -7.92
CA LEU D 81 39.04 3.82 -8.33
C LEU D 81 40.47 3.33 -8.61
N GLN D 82 41.07 2.72 -7.59
CA GLN D 82 42.42 2.17 -7.72
C GLN D 82 42.32 0.82 -8.42
N MET D 83 42.82 0.76 -9.66
CA MET D 83 42.74 -0.43 -10.49
C MET D 83 44.09 -1.13 -10.49
N ASN D 84 44.07 -2.46 -10.37
CA ASN D 84 45.29 -3.25 -10.35
C ASN D 84 45.10 -4.49 -11.23
N SER D 85 46.23 -5.05 -11.68
CA SER D 85 46.28 -6.26 -12.48
C SER D 85 45.29 -6.22 -13.64
N LEU D 86 45.43 -5.20 -14.48
CA LEU D 86 44.48 -4.98 -15.57
C LEU D 86 44.68 -6.02 -16.68
N LYS D 87 43.57 -6.44 -17.26
CA LYS D 87 43.54 -7.38 -18.38
C LYS D 87 43.12 -6.67 -19.65
N PRO D 88 43.43 -7.24 -20.81
CA PRO D 88 42.92 -6.68 -22.08
C PRO D 88 41.41 -6.75 -22.23
N GLU D 89 40.70 -7.30 -21.25
CA GLU D 89 39.24 -7.32 -21.27
C GLU D 89 38.62 -6.16 -20.49
N ASP D 90 39.41 -5.45 -19.69
CA ASP D 90 38.94 -4.30 -18.94
C ASP D 90 39.21 -2.98 -19.66
N THR D 91 39.25 -3.01 -20.99
CA THR D 91 39.47 -1.80 -21.78
C THR D 91 38.11 -1.20 -22.14
N ALA D 92 37.88 0.01 -21.65
CA ALA D 92 36.58 0.67 -21.82
C ALA D 92 36.71 2.11 -21.37
N VAL D 93 35.67 2.90 -21.66
CA VAL D 93 35.53 4.23 -21.10
C VAL D 93 34.87 4.10 -19.74
N TYR D 94 35.53 4.61 -18.71
CA TYR D 94 35.07 4.44 -17.33
C TYR D 94 34.41 5.73 -16.85
N TYR D 95 33.13 5.64 -16.50
CA TYR D 95 32.32 6.79 -16.11
C TYR D 95 32.12 6.82 -14.61
N CYS D 96 32.17 8.02 -14.04
CA CYS D 96 31.86 8.25 -12.63
C CYS D 96 30.40 8.68 -12.53
N ALA D 97 29.55 7.81 -11.98
CA ALA D 97 28.13 8.03 -11.92
C ALA D 97 27.69 8.26 -10.48
N ARG D 98 26.75 9.19 -10.30
CA ARG D 98 26.19 9.53 -9.01
C ARG D 98 24.78 8.97 -8.88
N CYS D 99 24.40 8.61 -7.66
CA CYS D 99 23.06 8.11 -7.42
C CYS D 99 22.06 9.25 -7.62
N PRO D 100 20.87 8.96 -8.17
CA PRO D 100 19.90 10.04 -8.46
C PRO D 100 19.55 10.90 -7.25
N ALA D 101 19.03 10.27 -6.19
CA ALA D 101 18.54 11.02 -5.04
C ALA D 101 19.46 10.85 -3.84
N PRO D 102 19.53 11.85 -2.96
CA PRO D 102 20.35 11.73 -1.75
C PRO D 102 19.62 10.99 -0.64
N PHE D 103 20.42 10.45 0.29
CA PHE D 103 19.93 9.67 1.43
C PHE D 103 19.06 8.50 0.97
N THR D 104 19.46 7.84 -0.11
CA THR D 104 18.64 6.80 -0.74
C THR D 104 19.39 5.47 -0.74
N ARG D 105 18.64 4.38 -0.66
CA ARG D 105 19.19 3.04 -0.62
C ARG D 105 19.37 2.41 -1.99
N ASP D 106 18.75 2.96 -3.03
CA ASP D 106 18.83 2.38 -4.35
C ASP D 106 19.28 3.42 -5.37
N CYS D 107 19.91 2.94 -6.44
CA CYS D 107 20.29 3.74 -7.59
C CYS D 107 19.80 3.02 -8.84
N PHE D 108 18.80 3.59 -9.50
CA PHE D 108 18.01 2.86 -10.50
C PHE D 108 18.64 2.85 -11.89
N ASP D 109 19.09 4.01 -12.39
CA ASP D 109 19.43 4.16 -13.80
C ASP D 109 20.85 4.66 -14.02
N VAL D 110 21.80 4.22 -13.18
CA VAL D 110 23.16 4.71 -13.32
C VAL D 110 23.86 4.16 -14.55
N THR D 111 23.33 3.09 -15.16
CA THR D 111 23.94 2.49 -16.34
C THR D 111 23.05 2.60 -17.58
N SER D 112 22.08 3.51 -17.57
CA SER D 112 21.23 3.70 -18.73
C SER D 112 21.98 4.45 -19.83
N THR D 113 21.49 4.28 -21.06
CA THR D 113 22.08 4.96 -22.21
C THR D 113 22.15 6.46 -21.98
N THR D 114 21.08 7.05 -21.49
CA THR D 114 21.00 8.47 -21.18
C THR D 114 20.83 8.61 -19.67
N TYR D 115 21.85 9.16 -19.01
CA TYR D 115 21.80 9.41 -17.58
C TYR D 115 22.57 10.69 -17.29
N ALA D 116 21.92 11.63 -16.59
CA ALA D 116 22.47 12.97 -16.46
C ALA D 116 23.64 13.02 -15.48
N TYR D 117 23.45 12.46 -14.27
CA TYR D 117 24.45 12.57 -13.22
C TYR D 117 25.58 11.57 -13.46
N ARG D 118 26.34 11.85 -14.52
CA ARG D 118 27.45 10.98 -14.93
C ARG D 118 28.39 11.82 -15.77
N GLY D 119 29.69 11.65 -15.54
CA GLY D 119 30.68 12.43 -16.26
C GLY D 119 30.86 11.94 -17.69
N GLN D 120 31.74 12.64 -18.41
CA GLN D 120 32.08 12.24 -19.77
C GLN D 120 33.00 11.03 -19.81
N GLY D 121 33.56 10.62 -18.68
CA GLY D 121 34.36 9.41 -18.61
C GLY D 121 35.79 9.65 -19.05
N THR D 122 36.61 8.62 -18.81
CA THR D 122 38.01 8.62 -19.21
C THR D 122 38.35 7.27 -19.82
N GLN D 123 38.95 7.29 -21.01
CA GLN D 123 39.23 6.06 -21.74
C GLN D 123 40.39 5.31 -21.11
N VAL D 124 40.19 4.03 -20.85
CA VAL D 124 41.23 3.15 -20.33
C VAL D 124 41.44 2.05 -21.36
N THR D 125 42.62 2.04 -21.99
CA THR D 125 42.97 1.03 -22.98
C THR D 125 44.07 0.14 -22.42
N VAL D 126 43.90 -1.17 -22.57
CA VAL D 126 44.89 -2.12 -22.09
C VAL D 126 45.48 -2.91 -23.25
N ALA E 37 -25.33 -34.64 47.85
CA ALA E 37 -25.23 -33.46 46.99
C ALA E 37 -24.96 -32.19 47.80
N THR E 38 -24.86 -31.06 47.12
CA THR E 38 -24.59 -29.77 47.75
C THR E 38 -25.88 -28.96 47.80
N VAL E 39 -26.16 -28.36 48.96
CA VAL E 39 -27.34 -27.56 49.17
C VAL E 39 -26.94 -26.23 49.79
N SER E 40 -27.80 -25.24 49.61
CA SER E 40 -27.57 -23.90 50.16
C SER E 40 -28.93 -23.27 50.44
N LEU E 41 -28.95 -21.95 50.64
CA LEU E 41 -30.21 -21.25 50.82
C LEU E 41 -31.12 -21.39 49.61
N TRP E 42 -30.57 -21.67 48.43
CA TRP E 42 -31.40 -21.86 47.25
C TRP E 42 -32.29 -23.09 47.39
N GLU E 43 -31.69 -24.24 47.70
CA GLU E 43 -32.48 -25.46 47.84
C GLU E 43 -33.42 -25.41 49.04
N THR E 44 -33.06 -24.65 50.07
CA THR E 44 -33.94 -24.51 51.23
C THR E 44 -35.19 -23.71 50.87
N VAL E 45 -35.03 -22.62 50.11
CA VAL E 45 -36.16 -21.79 49.75
C VAL E 45 -37.08 -22.52 48.76
N GLN E 46 -36.50 -23.29 47.84
CA GLN E 46 -37.32 -24.05 46.91
C GLN E 46 -38.10 -25.15 47.63
N LYS E 47 -37.51 -25.73 48.68
CA LYS E 47 -38.24 -26.68 49.50
C LYS E 47 -39.27 -25.97 50.37
N TRP E 48 -38.99 -24.72 50.76
CA TRP E 48 -39.97 -23.94 51.50
C TRP E 48 -41.13 -23.50 50.63
N ARG E 49 -40.98 -23.58 49.30
CA ARG E 49 -42.09 -23.25 48.42
C ARG E 49 -43.13 -24.37 48.40
N GLU E 50 -42.70 -25.61 48.28
CA GLU E 50 -43.65 -26.72 48.23
C GLU E 50 -44.22 -27.02 49.60
N TYR E 51 -43.41 -26.88 50.65
CA TYR E 51 -43.93 -27.05 52.01
C TYR E 51 -45.04 -26.06 52.30
N ARG E 52 -44.86 -24.79 51.89
CA ARG E 52 -45.94 -23.83 52.02
C ARG E 52 -47.12 -24.19 51.14
N ARG E 53 -46.86 -24.78 49.96
CA ARG E 53 -47.94 -25.15 49.05
C ARG E 53 -48.72 -26.35 49.55
N GLN E 54 -48.02 -27.42 49.95
CA GLN E 54 -48.69 -28.65 50.37
C GLN E 54 -49.51 -28.43 51.63
N CYS E 55 -49.15 -27.43 52.45
CA CYS E 55 -49.87 -27.19 53.69
C CYS E 55 -50.97 -26.14 53.53
N GLN E 56 -50.75 -25.10 52.73
CA GLN E 56 -51.80 -24.11 52.48
C GLN E 56 -52.98 -24.74 51.76
N ARG E 57 -52.71 -25.63 50.80
CA ARG E 57 -53.79 -26.35 50.13
C ARG E 57 -54.50 -27.27 51.11
N SER E 58 -53.75 -27.92 52.00
CA SER E 58 -54.37 -28.77 53.01
C SER E 58 -54.82 -27.98 54.24
N LEU E 59 -54.57 -26.68 54.29
CA LEU E 59 -55.07 -25.87 55.40
C LEU E 59 -56.57 -25.67 55.29
N THR E 60 -57.07 -25.41 54.08
CA THR E 60 -58.50 -25.23 53.85
C THR E 60 -59.18 -26.54 53.47
N GLU E 61 -58.48 -27.43 52.76
CA GLU E 61 -59.07 -28.71 52.37
C GLU E 61 -59.34 -29.59 53.59
N ASP E 62 -58.50 -29.50 54.61
CA ASP E 62 -58.75 -30.25 55.84
C ASP E 62 -60.09 -29.82 56.44
N PRO E 63 -61.02 -30.73 56.64
CA PRO E 63 -62.34 -30.35 57.13
C PRO E 63 -62.27 -29.92 58.59
N PRO E 64 -62.98 -28.86 58.95
CA PRO E 64 -63.01 -28.46 60.35
C PRO E 64 -63.58 -29.58 61.21
N PRO E 65 -63.07 -29.76 62.41
CA PRO E 65 -63.52 -30.88 63.25
C PRO E 65 -64.97 -30.73 63.65
N ALA E 66 -65.62 -31.88 63.86
CA ALA E 66 -67.03 -31.87 64.25
C ALA E 66 -67.23 -31.37 65.67
N THR E 67 -66.15 -31.21 66.44
CA THR E 67 -66.22 -30.74 67.81
C THR E 67 -66.07 -29.22 67.86
N ASP E 68 -66.17 -28.69 69.08
CA ASP E 68 -65.99 -27.27 69.36
C ASP E 68 -64.72 -27.07 70.17
N LEU E 69 -64.51 -25.84 70.64
CA LEU E 69 -63.44 -25.45 71.55
C LEU E 69 -62.07 -25.45 70.89
N PHE E 70 -61.96 -25.83 69.62
CA PHE E 70 -60.66 -26.08 69.01
C PHE E 70 -59.83 -24.79 68.93
N CYS E 71 -58.51 -24.97 68.99
CA CYS E 71 -57.59 -23.87 68.83
C CYS E 71 -57.35 -23.59 67.34
N ASN E 72 -57.35 -22.31 66.99
CA ASN E 72 -57.24 -21.92 65.58
C ASN E 72 -55.85 -22.22 65.05
N ARG E 73 -55.79 -22.63 63.78
CA ARG E 73 -54.55 -22.97 63.12
C ARG E 73 -54.05 -21.81 62.27
N THR E 74 -52.76 -21.84 61.95
CA THR E 74 -52.14 -20.78 61.17
C THR E 74 -50.83 -21.30 60.59
N PHE E 75 -50.04 -20.38 60.03
CA PHE E 75 -48.75 -20.68 59.43
C PHE E 75 -47.89 -19.43 59.53
N ASP E 76 -46.80 -19.51 60.28
CA ASP E 76 -45.98 -18.33 60.59
C ASP E 76 -44.64 -18.34 59.84
N GLU E 77 -44.64 -18.79 58.59
CA GLU E 77 -43.47 -18.78 57.71
C GLU E 77 -42.39 -19.74 58.18
N TYR E 78 -42.62 -20.43 59.31
CA TYR E 78 -41.69 -21.42 59.83
C TYR E 78 -42.30 -22.80 59.89
N ALA E 79 -43.56 -22.90 60.32
CA ALA E 79 -44.30 -24.14 60.33
C ALA E 79 -45.78 -23.83 60.23
N CYS E 80 -46.55 -24.79 59.72
CA CYS E 80 -48.00 -24.65 59.61
C CYS E 80 -48.62 -25.44 60.75
N TRP E 81 -48.88 -24.76 61.85
CA TRP E 81 -49.45 -25.39 63.03
C TRP E 81 -50.89 -25.82 62.75
N PRO E 82 -51.23 -27.08 62.95
CA PRO E 82 -52.59 -27.54 62.69
C PRO E 82 -53.51 -27.25 63.87
N ASP E 83 -54.77 -27.63 63.69
CA ASP E 83 -55.77 -27.49 64.74
C ASP E 83 -55.54 -28.54 65.82
N GLY E 84 -55.38 -28.08 67.07
CA GLY E 84 -55.14 -28.97 68.19
C GLY E 84 -56.09 -28.70 69.34
N GLU E 85 -56.05 -29.59 70.32
CA GLU E 85 -56.89 -29.44 71.50
C GLU E 85 -56.39 -28.26 72.34
N PRO E 86 -57.28 -27.39 72.82
CA PRO E 86 -56.84 -26.28 73.65
C PRO E 86 -56.44 -26.74 75.04
N GLY E 87 -55.66 -25.89 75.71
CA GLY E 87 -55.11 -26.27 76.99
C GLY E 87 -54.09 -27.37 76.89
N SER E 88 -53.43 -27.50 75.74
CA SER E 88 -52.44 -28.54 75.50
C SER E 88 -51.40 -27.99 74.55
N PHE E 89 -50.40 -28.82 74.25
CA PHE E 89 -49.35 -28.47 73.30
C PHE E 89 -49.64 -29.10 71.95
N VAL E 90 -48.94 -28.59 70.93
CA VAL E 90 -49.13 -29.04 69.55
C VAL E 90 -48.01 -30.03 69.23
N ASN E 91 -48.38 -31.19 68.69
CA ASN E 91 -47.41 -32.20 68.30
C ASN E 91 -47.16 -32.11 66.78
N VAL E 92 -46.61 -30.96 66.38
CA VAL E 92 -46.25 -30.69 65.00
C VAL E 92 -44.80 -31.08 64.79
N SER E 93 -44.54 -31.92 63.79
CA SER E 93 -43.18 -32.37 63.53
C SER E 93 -42.31 -31.22 63.02
N CYS E 94 -41.00 -31.45 63.01
CA CYS E 94 -40.08 -30.45 62.50
C CYS E 94 -40.25 -30.33 60.98
N PRO E 95 -40.26 -29.10 60.44
CA PRO E 95 -40.53 -28.93 59.01
C PRO E 95 -39.46 -29.57 58.14
N TRP E 96 -39.91 -30.33 57.13
CA TRP E 96 -39.00 -31.12 56.31
C TRP E 96 -38.22 -30.28 55.31
N TYR E 97 -38.51 -28.99 55.17
CA TYR E 97 -37.75 -28.15 54.26
C TYR E 97 -36.43 -27.66 54.85
N LEU E 98 -36.26 -27.77 56.17
CA LEU E 98 -35.04 -27.30 56.79
C LEU E 98 -33.85 -28.13 56.29
N PRO E 99 -32.69 -27.49 56.05
CA PRO E 99 -31.54 -28.26 55.56
C PRO E 99 -30.96 -29.21 56.59
N TRP E 100 -31.22 -29.01 57.88
CA TRP E 100 -30.74 -29.89 58.93
C TRP E 100 -31.83 -30.83 59.45
N ALA E 101 -32.95 -30.95 58.74
CA ALA E 101 -34.00 -31.86 59.16
C ALA E 101 -33.62 -33.31 58.94
N SER E 102 -32.54 -33.58 58.20
CA SER E 102 -32.11 -34.96 57.97
C SER E 102 -31.53 -35.58 59.23
N SER E 103 -31.13 -34.77 60.20
CA SER E 103 -30.51 -35.30 61.41
C SER E 103 -31.55 -35.83 62.40
N VAL E 104 -32.57 -35.05 62.69
CA VAL E 104 -33.59 -35.44 63.66
C VAL E 104 -34.97 -35.39 63.00
N PRO E 105 -35.33 -36.39 62.19
CA PRO E 105 -36.70 -36.42 61.65
C PRO E 105 -37.68 -37.08 62.58
N GLN E 106 -37.56 -36.78 63.89
CA GLN E 106 -38.58 -37.19 64.84
C GLN E 106 -38.79 -36.18 65.96
N GLY E 107 -38.12 -35.03 65.94
CA GLY E 107 -38.35 -34.03 66.97
C GLY E 107 -39.46 -33.07 66.57
N HIS E 108 -40.22 -32.63 67.56
CA HIS E 108 -41.40 -31.82 67.37
C HIS E 108 -41.21 -30.45 68.00
N VAL E 109 -41.61 -29.40 67.28
CA VAL E 109 -41.64 -28.05 67.83
C VAL E 109 -42.95 -27.86 68.57
N TYR E 110 -42.91 -27.11 69.68
CA TYR E 110 -44.03 -27.04 70.61
C TYR E 110 -44.59 -25.63 70.70
N ARG E 111 -45.91 -25.57 70.89
CA ARG E 111 -46.62 -24.32 71.13
C ARG E 111 -47.87 -24.65 71.96
N PHE E 112 -48.21 -23.75 72.88
CA PHE E 112 -49.24 -24.01 73.87
C PHE E 112 -50.33 -22.94 73.77
N CYS E 113 -51.59 -23.36 73.75
CA CYS E 113 -52.73 -22.46 73.82
C CYS E 113 -53.74 -23.02 74.82
N THR E 114 -54.21 -22.18 75.72
CA THR E 114 -55.17 -22.58 76.73
C THR E 114 -56.58 -22.60 76.12
N ALA E 115 -57.52 -23.27 76.80
CA ALA E 115 -58.90 -23.32 76.34
C ALA E 115 -59.46 -21.93 76.03
N GLU E 116 -59.01 -20.90 76.75
CA GLU E 116 -59.37 -19.53 76.42
C GLU E 116 -58.79 -19.06 75.09
N GLY E 117 -57.83 -19.80 74.52
CA GLY E 117 -57.17 -19.37 73.29
C GLY E 117 -55.94 -18.54 73.58
N LEU E 118 -55.01 -19.11 74.34
CA LEU E 118 -53.86 -18.39 74.87
C LEU E 118 -52.63 -18.67 74.00
N TRP E 119 -52.51 -17.99 72.86
CA TRP E 119 -51.23 -17.96 72.19
C TRP E 119 -50.29 -17.14 73.06
N LEU E 120 -49.44 -17.81 73.84
CA LEU E 120 -48.77 -17.16 74.96
C LEU E 120 -47.79 -16.10 74.46
N GLN E 121 -48.01 -14.86 74.88
CA GLN E 121 -47.17 -13.72 74.52
C GLN E 121 -45.82 -13.85 75.22
N LYS E 122 -44.75 -13.89 74.44
CA LYS E 122 -43.41 -13.96 75.03
C LYS E 122 -42.93 -12.53 75.36
N ASP E 123 -41.63 -12.40 75.60
CA ASP E 123 -41.02 -11.21 76.24
C ASP E 123 -41.58 -9.90 75.70
N ASN E 124 -42.16 -9.11 76.63
CA ASN E 124 -42.46 -7.70 76.39
C ASN E 124 -43.34 -7.48 75.17
N SER E 125 -44.57 -8.01 75.24
CA SER E 125 -45.60 -7.82 74.21
C SER E 125 -45.06 -8.17 72.82
N SER E 126 -44.76 -9.45 72.66
CA SER E 126 -44.17 -9.97 71.43
C SER E 126 -45.11 -10.98 70.79
N LEU E 127 -44.61 -11.64 69.76
CA LEU E 127 -45.34 -12.67 69.02
C LEU E 127 -45.62 -13.86 69.96
N PRO E 128 -46.60 -14.71 69.62
CA PRO E 128 -46.82 -15.93 70.40
C PRO E 128 -45.57 -16.75 70.66
N TRP E 129 -45.39 -17.16 71.92
CA TRP E 129 -44.21 -17.94 72.30
C TRP E 129 -44.25 -19.32 71.64
N ARG E 130 -43.06 -19.84 71.35
CA ARG E 130 -42.92 -21.19 70.82
C ARG E 130 -41.58 -21.75 71.25
N ASP E 131 -41.48 -23.08 71.28
CA ASP E 131 -40.28 -23.79 71.70
C ASP E 131 -39.64 -24.44 70.47
N LEU E 132 -38.63 -23.79 69.91
CA LEU E 132 -37.91 -24.29 68.75
C LEU E 132 -36.67 -25.10 69.15
N SER E 133 -36.53 -25.43 70.43
CA SER E 133 -35.33 -26.08 70.94
C SER E 133 -35.22 -27.56 70.58
N GLU E 134 -36.09 -28.06 69.70
CA GLU E 134 -36.01 -29.47 69.32
C GLU E 134 -35.15 -29.68 68.08
N CYS E 135 -35.23 -28.75 67.12
CA CYS E 135 -34.41 -28.79 65.91
C CYS E 135 -33.98 -27.38 65.56
N GLU E 136 -32.72 -27.06 65.86
CA GLU E 136 -32.15 -25.76 65.55
C GLU E 136 -30.65 -25.91 65.37
N GLU E 137 -30.16 -25.40 64.24
CA GLU E 137 -28.74 -25.49 63.93
C GLU E 137 -28.01 -24.21 64.35
N SER E 144 -15.89 -21.12 52.90
CA SER E 144 -16.57 -21.86 53.97
C SER E 144 -17.82 -22.54 53.44
N SER E 145 -18.93 -21.81 53.48
CA SER E 145 -20.23 -22.24 53.01
C SER E 145 -20.36 -22.04 51.50
N PRO E 146 -21.30 -22.74 50.85
CA PRO E 146 -21.55 -22.45 49.43
C PRO E 146 -22.03 -21.03 49.17
N GLU E 147 -22.56 -20.34 50.18
CA GLU E 147 -22.97 -18.96 50.00
C GLU E 147 -21.76 -18.03 49.93
N GLU E 148 -20.78 -18.22 50.81
CA GLU E 148 -19.56 -17.42 50.75
C GLU E 148 -18.73 -17.77 49.52
N GLN E 149 -18.81 -19.01 49.05
CA GLN E 149 -18.13 -19.36 47.81
C GLN E 149 -18.73 -18.62 46.62
N LEU E 150 -20.04 -18.35 46.68
CA LEU E 150 -20.69 -17.62 45.59
C LEU E 150 -20.49 -16.12 45.72
N LEU E 151 -20.37 -15.60 46.95
CA LEU E 151 -20.16 -14.18 47.15
C LEU E 151 -18.79 -13.75 46.62
N PHE E 152 -17.77 -14.57 46.84
CA PHE E 152 -16.44 -14.24 46.35
C PHE E 152 -16.38 -14.33 44.83
N LEU E 153 -17.04 -15.34 44.24
CA LEU E 153 -17.03 -15.49 42.79
C LEU E 153 -17.76 -14.33 42.12
N TYR E 154 -18.85 -13.85 42.73
CA TYR E 154 -19.58 -12.73 42.16
C TYR E 154 -18.71 -11.47 42.10
N ILE E 155 -17.89 -11.25 43.13
CA ILE E 155 -17.07 -10.05 43.17
C ILE E 155 -16.01 -10.08 42.08
N ILE E 156 -15.38 -11.24 41.87
CA ILE E 156 -14.25 -11.31 40.95
C ILE E 156 -14.67 -11.39 39.48
N TYR E 157 -15.95 -11.66 39.20
CA TYR E 157 -16.43 -11.46 37.84
C TYR E 157 -17.13 -10.12 37.66
N THR E 158 -17.50 -9.45 38.76
CA THR E 158 -17.97 -8.07 38.68
C THR E 158 -16.82 -7.10 38.39
N VAL E 159 -15.68 -7.27 39.05
CA VAL E 159 -14.50 -6.47 38.72
C VAL E 159 -13.97 -6.83 37.33
N GLY E 160 -14.05 -8.11 36.97
CA GLY E 160 -13.63 -8.51 35.65
C GLY E 160 -14.51 -7.92 34.56
N TYR E 161 -15.82 -7.86 34.81
CA TYR E 161 -16.73 -7.25 33.84
C TYR E 161 -16.64 -5.73 33.89
N ALA E 162 -16.23 -5.17 35.02
CA ALA E 162 -16.09 -3.71 35.11
C ALA E 162 -14.84 -3.24 34.37
N LEU E 163 -13.71 -3.92 34.57
CA LEU E 163 -12.49 -3.53 33.87
C LEU E 163 -12.57 -3.87 32.38
N SER E 164 -13.37 -4.88 32.02
CA SER E 164 -13.62 -5.13 30.60
C SER E 164 -14.50 -4.06 30.01
N PHE E 165 -15.53 -3.63 30.75
CA PHE E 165 -16.40 -2.55 30.27
C PHE E 165 -15.62 -1.25 30.11
N SER E 166 -14.87 -0.87 31.15
CA SER E 166 -14.18 0.42 31.13
C SER E 166 -13.08 0.47 30.07
N ALA E 167 -12.37 -0.64 29.86
CA ALA E 167 -11.29 -0.64 28.88
C ALA E 167 -11.81 -0.75 27.46
N LEU E 168 -12.98 -1.36 27.26
CA LEU E 168 -13.54 -1.47 25.92
C LEU E 168 -14.20 -0.18 25.48
N VAL E 169 -14.74 0.61 26.42
CA VAL E 169 -15.26 1.92 26.08
C VAL E 169 -14.15 2.82 25.55
N ILE E 170 -12.98 2.76 26.19
CA ILE E 170 -11.81 3.51 25.69
C ILE E 170 -11.36 2.94 24.36
N ALA E 171 -11.34 1.62 24.24
CA ALA E 171 -10.91 0.99 22.98
C ALA E 171 -11.89 1.28 21.86
N SER E 172 -13.16 1.49 22.19
CA SER E 172 -14.15 1.83 21.17
C SER E 172 -14.06 3.29 20.78
N ALA E 173 -13.68 4.17 21.71
CA ALA E 173 -13.48 5.58 21.37
C ALA E 173 -12.21 5.78 20.56
N ILE E 174 -11.35 4.76 20.49
CA ILE E 174 -10.10 4.89 19.75
C ILE E 174 -10.28 4.37 18.32
N LEU E 175 -10.91 3.22 18.17
CA LEU E 175 -11.17 2.69 16.83
C LEU E 175 -12.10 3.59 16.04
N LEU E 176 -13.01 4.28 16.71
CA LEU E 176 -13.90 5.22 16.05
C LEU E 176 -13.32 6.62 15.91
N GLY E 177 -12.35 6.98 16.76
CA GLY E 177 -11.76 8.30 16.72
C GLY E 177 -10.95 8.56 15.47
N PHE E 178 -9.89 7.78 15.26
CA PHE E 178 -9.05 7.91 14.08
C PHE E 178 -9.74 7.23 12.91
N ARG E 179 -10.04 7.99 11.85
CA ARG E 179 -10.78 7.44 10.72
C ARG E 179 -9.90 6.55 9.84
N HIS E 180 -8.58 6.62 9.98
CA HIS E 180 -7.72 5.71 9.23
C HIS E 180 -7.92 4.26 9.71
N LEU E 181 -8.42 4.07 10.92
CA LEU E 181 -8.67 2.74 11.47
C LEU E 181 -10.11 2.31 11.22
N HIS E 182 -10.50 2.33 9.95
CA HIS E 182 -11.85 1.95 9.52
C HIS E 182 -11.72 0.90 8.43
N CYS E 183 -11.92 -0.37 8.80
CA CYS E 183 -11.87 -1.48 7.88
C CYS E 183 -13.07 -2.39 8.13
N THR E 184 -13.23 -3.40 7.28
CA THR E 184 -14.27 -4.40 7.52
C THR E 184 -13.96 -5.22 8.77
N ARG E 185 -12.68 -5.55 8.98
CA ARG E 185 -12.30 -6.25 10.21
C ARG E 185 -12.48 -5.36 11.42
N ASN E 186 -12.25 -4.05 11.29
CA ASN E 186 -12.42 -3.14 12.40
C ASN E 186 -13.89 -2.88 12.73
N TYR E 187 -14.78 -3.07 11.75
CA TYR E 187 -16.21 -2.97 12.02
C TYR E 187 -16.74 -4.22 12.70
N ILE E 188 -16.19 -5.39 12.37
CA ILE E 188 -16.55 -6.62 13.09
C ILE E 188 -15.99 -6.60 14.50
N HIS E 189 -14.83 -5.97 14.69
CA HIS E 189 -14.27 -5.85 16.03
C HIS E 189 -15.15 -4.98 16.93
N LEU E 190 -15.62 -3.84 16.42
CA LEU E 190 -16.49 -2.98 17.21
C LEU E 190 -17.81 -3.67 17.52
N ASN E 191 -18.31 -4.48 16.59
CA ASN E 191 -19.48 -5.30 16.86
C ASN E 191 -19.20 -6.32 17.95
N LEU E 192 -17.97 -6.86 17.97
CA LEU E 192 -17.58 -7.75 19.06
C LEU E 192 -17.36 -6.97 20.35
N PHE E 193 -16.81 -5.76 20.24
CA PHE E 193 -16.64 -4.91 21.42
C PHE E 193 -17.98 -4.61 22.08
N ALA E 194 -19.04 -4.45 21.27
CA ALA E 194 -20.36 -4.16 21.82
C ALA E 194 -20.97 -5.40 22.47
N SER E 195 -20.73 -6.57 21.89
CA SER E 195 -21.26 -7.80 22.48
C SER E 195 -20.64 -8.09 23.84
N PHE E 196 -19.39 -7.65 24.05
CA PHE E 196 -18.78 -7.74 25.37
C PHE E 196 -19.35 -6.70 26.31
N ILE E 197 -19.59 -5.49 25.82
CA ILE E 197 -20.17 -4.44 26.64
C ILE E 197 -21.60 -4.78 27.03
N LEU E 198 -22.39 -5.29 26.07
CA LEU E 198 -23.76 -5.67 26.36
C LEU E 198 -23.82 -6.83 27.35
N ARG E 199 -22.95 -7.83 27.17
CA ARG E 199 -22.93 -8.96 28.09
C ARG E 199 -22.51 -8.52 29.50
N ALA E 200 -21.50 -7.65 29.59
CA ALA E 200 -21.05 -7.18 30.89
C ALA E 200 -22.13 -6.37 31.60
N LEU E 201 -22.85 -5.54 30.85
CA LEU E 201 -23.93 -4.75 31.45
C LEU E 201 -25.11 -5.62 31.84
N SER E 202 -25.44 -6.61 31.01
CA SER E 202 -26.60 -7.46 31.29
C SER E 202 -26.40 -8.30 32.55
N VAL E 203 -25.14 -8.59 32.91
CA VAL E 203 -24.88 -9.27 34.17
C VAL E 203 -24.98 -8.30 35.34
N PHE E 204 -24.60 -7.03 35.13
CA PHE E 204 -24.79 -6.02 36.16
C PHE E 204 -26.27 -5.82 36.46
N ILE E 205 -27.11 -5.84 35.41
CA ILE E 205 -28.55 -5.66 35.60
C ILE E 205 -29.13 -6.82 36.38
N LYS E 206 -28.67 -8.05 36.08
CA LYS E 206 -29.20 -9.22 36.77
C LYS E 206 -28.83 -9.23 38.25
N ASP E 207 -27.59 -8.86 38.56
CA ASP E 207 -27.15 -8.87 39.95
C ASP E 207 -27.70 -7.68 40.74
N ALA E 208 -28.01 -6.58 40.06
CA ALA E 208 -28.57 -5.41 40.74
C ALA E 208 -30.08 -5.49 40.87
N ALA E 209 -30.75 -6.20 39.95
CA ALA E 209 -32.19 -6.37 40.05
C ALA E 209 -32.58 -7.15 41.29
N LEU E 210 -32.05 -8.37 41.42
CA LEU E 210 -32.19 -9.16 42.64
C LEU E 210 -30.89 -9.01 43.42
N LYS E 211 -30.92 -8.18 44.46
CA LYS E 211 -29.74 -7.91 45.28
C LYS E 211 -29.49 -9.12 46.20
N TRP E 212 -29.13 -10.24 45.57
CA TRP E 212 -28.88 -11.47 46.29
C TRP E 212 -27.57 -11.43 47.08
N MET E 213 -26.66 -10.50 46.76
CA MET E 213 -25.39 -10.43 47.46
C MET E 213 -25.54 -9.95 48.90
N TYR E 214 -26.72 -9.42 49.25
CA TYR E 214 -26.97 -9.03 50.66
C TYR E 214 -27.98 -9.97 51.29
N SER E 215 -28.67 -10.79 50.48
CA SER E 215 -29.76 -11.65 51.00
C SER E 215 -29.27 -13.09 51.25
N THR E 216 -27.96 -13.32 51.15
CA THR E 216 -27.41 -14.70 51.30
C THR E 216 -27.72 -15.23 52.69
N ALA E 217 -27.81 -14.35 53.69
CA ALA E 217 -28.17 -14.77 55.06
C ALA E 217 -29.56 -14.24 55.43
N ALA E 218 -30.53 -14.34 54.51
CA ALA E 218 -31.89 -13.93 54.80
C ALA E 218 -32.58 -14.92 55.75
N GLN E 219 -33.35 -14.39 56.68
CA GLN E 219 -34.06 -15.21 57.64
C GLN E 219 -35.37 -15.71 57.06
N GLN E 220 -36.17 -16.36 57.90
CA GLN E 220 -37.42 -16.96 57.43
C GLN E 220 -38.43 -15.90 57.01
N HIS E 221 -38.39 -14.72 57.61
CA HIS E 221 -39.36 -13.68 57.32
C HIS E 221 -39.05 -12.90 56.04
N GLN E 222 -38.14 -13.40 55.22
CA GLN E 222 -37.80 -12.75 53.95
C GLN E 222 -37.89 -13.69 52.76
N TRP E 223 -38.20 -14.97 52.97
CA TRP E 223 -38.22 -15.93 51.87
C TRP E 223 -39.43 -15.73 50.96
N ASP E 224 -40.45 -15.01 51.41
CA ASP E 224 -41.57 -14.72 50.53
C ASP E 224 -41.23 -13.60 49.55
N GLY E 225 -40.44 -12.62 50.00
CA GLY E 225 -39.97 -11.57 49.12
C GLY E 225 -38.94 -12.02 48.11
N LEU E 226 -38.29 -13.16 48.36
CA LEU E 226 -37.38 -13.75 47.40
C LEU E 226 -38.10 -14.69 46.44
N LEU E 227 -39.09 -15.44 46.92
CA LEU E 227 -39.80 -16.38 46.07
C LEU E 227 -40.71 -15.68 45.09
N SER E 228 -41.37 -14.59 45.50
CA SER E 228 -42.26 -13.89 44.59
C SER E 228 -41.48 -13.13 43.53
N TYR E 229 -40.28 -12.66 43.87
CA TYR E 229 -39.45 -11.99 42.88
C TYR E 229 -38.92 -12.97 41.83
N GLN E 230 -38.90 -14.26 42.15
CA GLN E 230 -38.38 -15.26 41.23
C GLN E 230 -39.37 -15.53 40.09
N ASP E 231 -40.59 -15.93 40.43
CA ASP E 231 -41.58 -16.30 39.43
C ASP E 231 -42.23 -15.08 38.75
N SER E 232 -41.86 -13.87 39.14
CA SER E 232 -42.40 -12.68 38.50
C SER E 232 -41.80 -12.52 37.10
N LEU E 233 -42.53 -11.79 36.24
CA LEU E 233 -42.07 -11.56 34.88
C LEU E 233 -40.87 -10.63 34.82
N SER E 234 -40.71 -9.73 35.79
CA SER E 234 -39.54 -8.86 35.83
C SER E 234 -38.26 -9.66 35.95
N CYS E 235 -38.29 -10.77 36.71
CA CYS E 235 -37.14 -11.66 36.77
C CYS E 235 -36.90 -12.36 35.45
N ARG E 236 -37.97 -12.92 34.87
CA ARG E 236 -37.83 -13.67 33.63
C ARG E 236 -37.42 -12.77 32.47
N LEU E 237 -37.68 -11.46 32.58
CA LEU E 237 -37.28 -10.55 31.52
C LEU E 237 -35.79 -10.22 31.57
N VAL E 238 -35.27 -9.98 32.77
CA VAL E 238 -33.84 -9.73 32.92
C VAL E 238 -33.05 -11.00 32.62
N PHE E 239 -33.62 -12.16 32.95
CA PHE E 239 -32.94 -13.42 32.67
C PHE E 239 -32.94 -13.71 31.16
N LEU E 240 -34.05 -13.43 30.49
CA LEU E 240 -34.09 -13.61 29.03
C LEU E 240 -33.17 -12.61 28.34
N LEU E 241 -33.06 -11.40 28.88
CA LEU E 241 -32.10 -10.44 28.34
C LEU E 241 -30.66 -10.93 28.51
N MET E 242 -30.40 -11.67 29.59
CA MET E 242 -29.06 -12.21 29.79
C MET E 242 -28.78 -13.36 28.84
N GLN E 243 -29.77 -14.24 28.64
CA GLN E 243 -29.59 -15.37 27.73
C GLN E 243 -29.35 -14.92 26.29
N TYR E 244 -29.85 -13.76 25.89
CA TYR E 244 -29.63 -13.29 24.53
C TYR E 244 -28.23 -12.70 24.38
N CYS E 245 -27.84 -11.81 25.30
CA CYS E 245 -26.54 -11.17 25.22
C CYS E 245 -25.40 -12.18 25.33
N VAL E 246 -25.59 -13.23 26.14
CA VAL E 246 -24.60 -14.30 26.20
C VAL E 246 -24.56 -15.06 24.89
N ALA E 247 -25.73 -15.39 24.34
CA ALA E 247 -25.80 -16.07 23.05
C ALA E 247 -25.38 -15.18 21.89
N ALA E 248 -25.53 -13.86 22.03
CA ALA E 248 -25.07 -12.95 21.00
C ALA E 248 -23.56 -12.76 21.04
N ASN E 249 -22.97 -12.86 22.22
CA ASN E 249 -21.51 -12.76 22.34
C ASN E 249 -20.82 -13.97 21.75
N TYR E 250 -21.43 -15.16 21.90
CA TYR E 250 -20.83 -16.36 21.33
C TYR E 250 -20.94 -16.39 19.80
N TYR E 251 -21.96 -15.73 19.24
CA TYR E 251 -22.13 -15.69 17.81
C TYR E 251 -21.38 -14.54 17.15
N TRP E 252 -20.81 -13.62 17.93
CA TRP E 252 -19.86 -12.66 17.41
C TRP E 252 -18.43 -13.17 17.43
N LEU E 253 -18.13 -14.11 18.33
CA LEU E 253 -16.87 -14.84 18.24
C LEU E 253 -16.88 -15.85 17.09
N LEU E 254 -18.04 -16.37 16.72
CA LEU E 254 -18.14 -17.24 15.56
C LEU E 254 -18.03 -16.45 14.27
N VAL E 255 -18.60 -15.24 14.23
CA VAL E 255 -18.46 -14.39 13.05
C VAL E 255 -17.01 -13.98 12.86
N GLU E 256 -16.31 -13.67 13.95
CA GLU E 256 -14.89 -13.34 13.86
C GLU E 256 -14.09 -14.50 13.27
N GLY E 257 -14.53 -15.73 13.50
CA GLY E 257 -13.86 -16.90 12.95
C GLY E 257 -14.24 -17.19 11.52
N VAL E 258 -15.53 -17.15 11.23
CA VAL E 258 -16.00 -17.40 9.85
C VAL E 258 -15.46 -16.35 8.91
N TYR E 259 -15.41 -15.08 9.35
CA TYR E 259 -14.88 -14.02 8.50
C TYR E 259 -13.39 -14.20 8.26
N LEU E 260 -12.62 -14.43 9.34
CA LEU E 260 -11.19 -14.67 9.19
C LEU E 260 -10.93 -15.92 8.37
N TYR E 261 -11.82 -16.91 8.44
CA TYR E 261 -11.66 -18.09 7.60
C TYR E 261 -11.88 -17.77 6.12
N THR E 262 -12.83 -16.88 5.83
CA THR E 262 -13.09 -16.52 4.45
C THR E 262 -11.95 -15.70 3.86
N LEU E 263 -11.25 -14.93 4.68
CA LEU E 263 -10.08 -14.19 4.20
C LEU E 263 -8.97 -15.13 3.76
N LEU E 264 -8.87 -16.30 4.39
CA LEU E 264 -7.84 -17.27 4.06
C LEU E 264 -8.32 -18.36 3.12
N ALA E 265 -9.62 -18.64 3.08
CA ALA E 265 -10.20 -19.56 2.11
C ALA E 265 -10.60 -18.85 0.83
N PHE E 266 -10.19 -17.59 0.66
CA PHE E 266 -10.37 -16.83 -0.57
C PHE E 266 -11.85 -16.69 -0.94
N SER E 267 -12.58 -16.02 -0.08
CA SER E 267 -13.96 -15.60 -0.35
C SER E 267 -13.93 -14.09 -0.56
N VAL E 268 -14.04 -13.68 -1.83
CA VAL E 268 -13.92 -12.27 -2.20
C VAL E 268 -15.27 -11.81 -2.76
N PHE E 269 -16.36 -12.38 -2.25
CA PHE E 269 -17.70 -12.01 -2.69
C PHE E 269 -18.03 -10.58 -2.30
N SER E 270 -19.24 -10.14 -2.64
CA SER E 270 -19.66 -8.76 -2.43
C SER E 270 -19.43 -8.33 -0.98
N GLU E 271 -18.84 -7.14 -0.82
CA GLU E 271 -18.55 -6.63 0.51
C GLU E 271 -19.81 -6.42 1.33
N GLN E 272 -20.79 -5.71 0.76
CA GLN E 272 -21.97 -5.34 1.55
C GLN E 272 -22.91 -6.53 1.70
N TRP E 273 -22.92 -7.45 0.74
CA TRP E 273 -23.68 -8.67 0.90
C TRP E 273 -23.10 -9.59 1.96
N ILE E 274 -21.81 -9.47 2.24
CA ILE E 274 -21.15 -10.31 3.23
C ILE E 274 -21.13 -9.67 4.60
N PHE E 275 -20.93 -8.34 4.67
CA PHE E 275 -20.85 -7.68 5.97
C PHE E 275 -22.21 -7.66 6.66
N ARG E 276 -23.26 -7.24 5.96
CA ARG E 276 -24.59 -7.24 6.55
C ARG E 276 -25.10 -8.65 6.80
N LEU E 277 -24.52 -9.66 6.15
CA LEU E 277 -24.81 -11.04 6.52
C LEU E 277 -24.14 -11.41 7.84
N TYR E 278 -23.01 -10.78 8.16
CA TYR E 278 -22.34 -11.03 9.43
C TYR E 278 -23.07 -10.34 10.59
N VAL E 279 -23.56 -9.12 10.37
CA VAL E 279 -24.40 -8.48 11.38
C VAL E 279 -25.70 -9.25 11.55
N SER E 280 -26.17 -9.90 10.48
CA SER E 280 -27.40 -10.70 10.57
C SER E 280 -27.16 -11.98 11.37
N ILE E 281 -25.90 -12.35 11.55
CA ILE E 281 -25.59 -13.56 12.31
C ILE E 281 -25.13 -13.22 13.72
N GLY E 282 -24.33 -12.17 13.87
CA GLY E 282 -23.87 -11.77 15.18
C GLY E 282 -24.96 -11.20 16.08
N TRP E 283 -26.09 -10.82 15.50
CA TRP E 283 -27.21 -10.28 16.27
C TRP E 283 -28.54 -10.97 16.03
N GLY E 284 -28.70 -11.70 14.92
CA GLY E 284 -30.00 -12.23 14.56
C GLY E 284 -30.23 -13.71 14.85
N VAL E 285 -29.21 -14.53 14.61
CA VAL E 285 -29.36 -15.97 14.84
C VAL E 285 -29.64 -16.30 16.29
N PRO E 286 -29.06 -15.62 17.29
CA PRO E 286 -29.50 -15.87 18.67
C PRO E 286 -31.02 -15.80 18.87
N LEU E 287 -31.67 -14.79 18.30
CA LEU E 287 -33.12 -14.68 18.43
C LEU E 287 -33.86 -15.85 17.78
N LEU E 288 -33.21 -16.58 16.88
CA LEU E 288 -33.86 -17.71 16.24
C LEU E 288 -34.02 -18.90 17.17
N PHE E 289 -33.32 -18.91 18.31
CA PHE E 289 -33.48 -19.95 19.30
C PHE E 289 -33.60 -19.43 20.73
N VAL E 290 -33.66 -18.12 20.93
CA VAL E 290 -33.82 -17.56 22.26
C VAL E 290 -35.28 -17.22 22.56
N VAL E 291 -35.93 -16.46 21.67
CA VAL E 291 -37.35 -16.19 21.83
C VAL E 291 -38.19 -17.44 21.59
N PRO E 292 -37.77 -18.43 20.78
CA PRO E 292 -38.48 -19.72 20.84
C PRO E 292 -38.24 -20.46 22.14
N TRP E 293 -37.16 -20.15 22.85
CA TRP E 293 -36.99 -20.67 24.20
C TRP E 293 -37.77 -19.83 25.22
N GLY E 294 -37.85 -18.51 25.00
CA GLY E 294 -38.60 -17.67 25.90
C GLY E 294 -40.09 -17.95 25.91
N ILE E 295 -40.60 -18.61 24.88
CA ILE E 295 -42.02 -18.93 24.84
C ILE E 295 -42.32 -20.30 25.44
N VAL E 296 -41.44 -21.28 25.26
CA VAL E 296 -41.69 -22.59 25.86
C VAL E 296 -41.55 -22.54 27.37
N LYS E 297 -40.79 -21.58 27.89
CA LYS E 297 -40.74 -21.33 29.32
C LYS E 297 -41.88 -20.44 29.79
N TYR E 298 -42.62 -19.83 28.87
CA TYR E 298 -43.77 -19.00 29.21
C TYR E 298 -45.08 -19.77 29.20
N LEU E 299 -45.15 -20.84 28.41
CA LEU E 299 -46.39 -21.59 28.24
C LEU E 299 -46.44 -22.83 29.12
N TYR E 300 -45.37 -23.62 29.13
CA TYR E 300 -45.34 -24.90 29.84
C TYR E 300 -44.50 -24.83 31.11
N GLU E 301 -44.48 -23.69 31.78
CA GLU E 301 -43.80 -23.56 33.06
C GLU E 301 -44.55 -22.57 33.93
N ASP E 302 -44.84 -22.98 35.16
CA ASP E 302 -45.64 -22.17 36.08
C ASP E 302 -44.79 -21.29 36.98
N GLU E 303 -43.90 -21.89 37.75
CA GLU E 303 -43.11 -21.19 38.76
C GLU E 303 -41.69 -20.98 38.28
N GLY E 304 -40.94 -20.16 39.01
CA GLY E 304 -39.53 -19.98 38.78
C GLY E 304 -39.20 -18.83 37.85
N CYS E 305 -37.91 -18.52 37.80
CA CYS E 305 -37.36 -17.49 36.91
C CYS E 305 -36.76 -18.11 35.66
N TRP E 306 -37.39 -19.17 35.16
CA TRP E 306 -36.96 -19.87 33.95
C TRP E 306 -35.62 -20.59 34.16
N THR E 307 -35.39 -21.08 35.38
CA THR E 307 -34.24 -21.92 35.62
C THR E 307 -34.44 -23.29 34.96
N ARG E 308 -33.40 -24.11 34.99
CA ARG E 308 -33.44 -25.41 34.34
C ARG E 308 -34.55 -26.27 34.93
N ASN E 309 -35.30 -26.93 34.04
CA ASN E 309 -36.49 -27.65 34.46
C ASN E 309 -36.13 -28.86 35.32
N SER E 310 -37.15 -29.40 35.99
CA SER E 310 -36.97 -30.54 36.89
C SER E 310 -36.75 -31.83 36.10
N ASN E 311 -37.60 -32.08 35.09
CA ASN E 311 -37.50 -33.30 34.31
C ASN E 311 -37.31 -33.03 32.82
N MET E 312 -37.95 -31.99 32.28
CA MET E 312 -37.88 -31.68 30.87
C MET E 312 -36.49 -31.16 30.51
N ASN E 313 -36.31 -30.84 29.23
CA ASN E 313 -35.02 -30.40 28.68
C ASN E 313 -35.22 -29.16 27.82
N TYR E 314 -35.95 -28.18 28.34
CA TYR E 314 -36.17 -26.95 27.59
C TYR E 314 -34.90 -26.12 27.47
N TRP E 315 -33.87 -26.43 28.26
CA TRP E 315 -32.60 -25.72 28.17
C TRP E 315 -31.85 -26.06 26.89
N LEU E 316 -32.19 -27.17 26.23
CA LEU E 316 -31.51 -27.55 25.00
C LEU E 316 -31.69 -26.53 23.90
N ILE E 317 -32.74 -25.70 23.96
CA ILE E 317 -32.97 -24.68 22.95
C ILE E 317 -31.86 -23.64 22.98
N ILE E 318 -31.23 -23.45 24.14
CA ILE E 318 -30.19 -22.44 24.30
C ILE E 318 -28.80 -23.06 24.25
N ARG E 319 -28.61 -24.21 24.88
CA ARG E 319 -27.27 -24.77 25.01
C ARG E 319 -26.80 -25.42 23.71
N LEU E 320 -27.69 -26.10 22.98
CA LEU E 320 -27.30 -26.76 21.74
C LEU E 320 -26.77 -25.79 20.69
N PRO E 321 -27.43 -24.66 20.40
CA PRO E 321 -26.85 -23.73 19.42
C PRO E 321 -25.57 -23.07 19.90
N ILE E 322 -25.42 -22.87 21.21
CA ILE E 322 -24.17 -22.31 21.72
C ILE E 322 -23.03 -23.30 21.54
N LEU E 323 -23.30 -24.59 21.75
CA LEU E 323 -22.28 -25.61 21.52
C LEU E 323 -21.93 -25.72 20.04
N PHE E 324 -22.94 -25.60 19.16
CA PHE E 324 -22.67 -25.65 17.72
C PHE E 324 -21.79 -24.50 17.28
N ALA E 325 -21.98 -23.31 17.86
CA ALA E 325 -21.12 -22.18 17.52
C ALA E 325 -19.73 -22.32 18.13
N ILE E 326 -19.61 -23.07 19.23
CA ILE E 326 -18.30 -23.30 19.83
C ILE E 326 -17.59 -24.45 19.15
N GLY E 327 -18.32 -25.52 18.79
CA GLY E 327 -17.69 -26.63 18.10
C GLY E 327 -17.23 -26.28 16.70
N VAL E 328 -17.93 -25.34 16.05
CA VAL E 328 -17.52 -24.92 14.71
C VAL E 328 -16.39 -23.91 14.78
N ASN E 329 -16.41 -23.02 15.77
CA ASN E 329 -15.32 -22.05 15.92
C ASN E 329 -14.01 -22.70 16.35
N PHE E 330 -14.04 -23.92 16.88
CA PHE E 330 -12.81 -24.64 17.17
C PHE E 330 -12.18 -25.21 15.91
N LEU E 331 -12.98 -25.66 14.95
CA LEU E 331 -12.44 -26.10 13.67
C LEU E 331 -11.79 -24.95 12.91
N ILE E 332 -12.32 -23.74 13.05
CA ILE E 332 -11.69 -22.58 12.43
C ILE E 332 -10.35 -22.28 13.09
N PHE E 333 -10.29 -22.41 14.41
CA PHE E 333 -9.06 -22.13 15.14
C PHE E 333 -7.94 -23.07 14.71
N VAL E 334 -8.23 -24.36 14.59
CA VAL E 334 -7.21 -25.32 14.17
C VAL E 334 -6.76 -25.08 12.74
N ARG E 335 -7.70 -24.78 11.84
CA ARG E 335 -7.36 -24.56 10.44
C ARG E 335 -6.59 -23.26 10.24
N VAL E 336 -6.86 -22.24 11.06
CA VAL E 336 -6.08 -21.01 10.97
C VAL E 336 -4.68 -21.21 11.54
N ILE E 337 -4.57 -21.97 12.63
CA ILE E 337 -3.26 -22.26 13.20
C ILE E 337 -2.42 -23.09 12.23
N CYS E 338 -3.07 -23.99 11.48
CA CYS E 338 -2.37 -24.72 10.44
C CYS E 338 -1.83 -23.80 9.36
N ILE E 339 -2.50 -22.67 9.14
CA ILE E 339 -2.03 -21.69 8.15
C ILE E 339 -0.82 -20.94 8.68
N VAL E 340 -0.81 -20.63 9.98
CA VAL E 340 0.27 -19.83 10.54
C VAL E 340 1.56 -20.64 10.64
N VAL E 341 1.47 -21.95 10.86
CA VAL E 341 2.69 -22.75 10.96
C VAL E 341 3.31 -22.94 9.58
N SER E 342 2.49 -22.97 8.52
CA SER E 342 3.04 -23.16 7.18
C SER E 342 3.65 -21.88 6.63
N LYS E 343 3.10 -20.72 7.01
CA LYS E 343 3.70 -19.45 6.62
C LYS E 343 5.02 -19.22 7.35
N LEU E 344 5.18 -19.80 8.53
CA LEU E 344 6.44 -19.68 9.26
C LEU E 344 7.47 -20.70 8.82
N LYS E 345 7.03 -21.84 8.28
CA LYS E 345 7.98 -22.84 7.78
C LYS E 345 8.67 -22.39 6.50
N ALA E 346 7.94 -21.76 5.58
CA ALA E 346 8.53 -21.33 4.32
C ALA E 346 9.46 -20.13 4.47
N ASN E 347 9.41 -19.44 5.60
CA ASN E 347 10.32 -18.33 5.85
C ASN E 347 11.65 -18.87 6.36
N LEU E 348 12.52 -17.98 6.82
CA LEU E 348 13.84 -18.35 7.33
C LEU E 348 13.98 -17.79 8.75
N MET E 349 13.65 -18.61 9.74
CA MET E 349 13.74 -18.21 11.13
C MET E 349 14.45 -19.29 11.92
N CYS E 350 14.89 -18.93 13.12
CA CYS E 350 15.56 -19.88 14.00
C CYS E 350 14.54 -20.79 14.69
N LYS E 351 15.00 -22.00 15.03
CA LYS E 351 14.11 -22.97 15.66
C LYS E 351 13.61 -22.52 17.03
N THR E 352 14.19 -21.46 17.58
CA THR E 352 13.75 -20.96 18.89
C THR E 352 12.57 -20.01 18.74
N ASP E 353 12.75 -18.92 17.99
CA ASP E 353 11.70 -17.92 17.85
C ASP E 353 10.64 -18.28 16.83
N ILE E 354 10.80 -19.41 16.12
CA ILE E 354 9.75 -19.85 15.20
C ILE E 354 8.56 -20.40 15.97
N LYS E 355 8.77 -20.92 17.17
CA LYS E 355 7.67 -21.35 18.05
C LYS E 355 7.30 -20.32 19.09
N CYS E 356 8.16 -19.33 19.34
CA CYS E 356 7.75 -18.20 20.17
C CYS E 356 6.77 -17.31 19.42
N ARG E 357 7.04 -17.05 18.14
CA ARG E 357 6.08 -16.31 17.32
C ARG E 357 4.80 -17.12 17.12
N LEU E 358 4.92 -18.45 17.05
CA LEU E 358 3.72 -19.29 16.97
C LEU E 358 2.95 -19.28 18.28
N ALA E 359 3.64 -19.19 19.41
CA ALA E 359 2.96 -19.11 20.69
C ALA E 359 2.26 -17.77 20.85
N LYS E 360 2.92 -16.68 20.48
CA LYS E 360 2.28 -15.37 20.54
C LYS E 360 1.09 -15.29 19.59
N SER E 361 1.14 -16.01 18.47
CA SER E 361 -0.01 -16.05 17.57
C SER E 361 -1.15 -16.87 18.17
N THR E 362 -0.84 -18.01 18.78
CA THR E 362 -1.88 -18.83 19.39
C THR E 362 -2.46 -18.14 20.62
N LEU E 363 -1.64 -17.41 21.37
CA LEU E 363 -2.11 -16.78 22.60
C LEU E 363 -2.97 -15.55 22.33
N THR E 364 -2.75 -14.84 21.22
CA THR E 364 -3.54 -13.68 20.89
C THR E 364 -4.78 -14.01 20.06
N LEU E 365 -4.84 -15.20 19.47
CA LEU E 365 -6.01 -15.62 18.73
C LEU E 365 -7.11 -16.17 19.64
N ILE E 366 -6.75 -16.64 20.84
CA ILE E 366 -7.70 -17.23 21.77
C ILE E 366 -8.72 -16.20 22.26
N PRO E 367 -8.31 -15.00 22.70
CA PRO E 367 -9.33 -14.02 23.10
C PRO E 367 -10.25 -13.59 21.97
N LEU E 368 -9.78 -13.65 20.72
CA LEU E 368 -10.60 -13.18 19.60
C LEU E 368 -11.65 -14.22 19.19
N LEU E 369 -11.28 -15.50 19.18
CA LEU E 369 -12.21 -16.56 18.82
C LEU E 369 -12.89 -17.20 20.04
N GLY E 370 -12.49 -16.82 21.24
CA GLY E 370 -13.07 -17.42 22.44
C GLY E 370 -12.90 -18.92 22.50
N THR E 371 -11.69 -19.40 22.19
CA THR E 371 -11.44 -20.84 22.17
C THR E 371 -11.27 -21.42 23.56
N HIS E 372 -11.24 -20.59 24.61
CA HIS E 372 -11.27 -21.11 25.96
C HIS E 372 -12.64 -21.62 26.35
N GLU E 373 -13.66 -21.41 25.51
CA GLU E 373 -15.01 -21.88 25.81
C GLU E 373 -15.20 -23.36 25.51
N VAL E 374 -14.38 -23.95 24.62
CA VAL E 374 -14.45 -25.39 24.42
C VAL E 374 -13.91 -26.12 25.64
N ILE E 375 -13.02 -25.49 26.40
CA ILE E 375 -12.54 -26.09 27.64
C ILE E 375 -13.66 -26.11 28.67
N PHE E 376 -14.27 -24.95 28.93
CA PHE E 376 -15.32 -24.86 29.92
C PHE E 376 -16.57 -25.64 29.52
N ALA E 377 -16.77 -25.89 28.23
CA ALA E 377 -17.90 -26.68 27.79
C ALA E 377 -17.78 -28.14 28.18
N PHE E 378 -16.62 -28.58 28.65
CA PHE E 378 -16.42 -29.94 29.12
C PHE E 378 -16.30 -30.06 30.63
N VAL E 379 -15.87 -28.99 31.31
CA VAL E 379 -15.85 -28.97 32.77
C VAL E 379 -17.23 -28.70 33.36
N MET E 380 -18.14 -28.13 32.58
CA MET E 380 -19.48 -27.79 33.06
C MET E 380 -20.34 -29.04 33.16
N ASP E 381 -21.10 -29.13 34.25
CA ASP E 381 -22.08 -30.20 34.44
C ASP E 381 -23.42 -29.73 33.88
N GLU E 382 -23.87 -30.35 32.79
CA GLU E 382 -25.14 -29.96 32.19
C GLU E 382 -26.34 -30.51 32.95
N HIS E 383 -26.16 -31.57 33.73
CA HIS E 383 -27.24 -32.15 34.50
C HIS E 383 -27.29 -31.62 35.94
N ALA E 384 -26.38 -30.72 36.30
CA ALA E 384 -26.42 -30.11 37.62
C ALA E 384 -27.57 -29.11 37.71
N ARG E 385 -28.15 -29.01 38.91
CA ARG E 385 -29.27 -28.13 39.16
C ARG E 385 -29.06 -27.36 40.46
N GLY E 386 -29.64 -26.17 40.53
CA GLY E 386 -29.65 -25.40 41.76
C GLY E 386 -28.31 -24.82 42.15
N THR E 387 -27.95 -24.96 43.43
CA THR E 387 -26.71 -24.39 43.93
C THR E 387 -25.50 -24.94 43.19
N LEU E 388 -25.54 -26.23 42.82
CA LEU E 388 -24.42 -26.83 42.10
C LEU E 388 -24.20 -26.14 40.76
N ARG E 389 -25.29 -25.71 40.11
CA ARG E 389 -25.17 -25.06 38.81
C ARG E 389 -24.57 -23.67 38.94
N PHE E 390 -24.90 -22.94 40.01
CA PHE E 390 -24.42 -21.57 40.15
C PHE E 390 -22.93 -21.53 40.48
N ILE E 391 -22.43 -22.49 41.26
CA ILE E 391 -21.01 -22.52 41.56
C ILE E 391 -20.20 -22.91 40.34
N LYS E 392 -20.72 -23.87 39.55
CA LYS E 392 -20.03 -24.27 38.33
C LYS E 392 -20.08 -23.20 37.26
N LEU E 393 -21.12 -22.38 37.24
CA LEU E 393 -21.26 -21.30 36.28
C LEU E 393 -20.52 -20.03 36.68
N PHE E 394 -20.51 -19.71 37.99
CA PHE E 394 -19.83 -18.50 38.43
C PHE E 394 -18.32 -18.65 38.37
N THR E 395 -17.82 -19.88 38.40
CA THR E 395 -16.38 -20.10 38.27
C THR E 395 -15.91 -19.81 36.85
N GLU E 396 -16.66 -20.28 35.85
CA GLU E 396 -16.36 -19.94 34.47
C GLU E 396 -16.47 -18.44 34.23
N LEU E 397 -17.53 -17.82 34.76
CA LEU E 397 -17.71 -16.38 34.57
C LEU E 397 -16.63 -15.58 35.29
N SER E 398 -16.07 -16.10 36.38
CA SER E 398 -15.00 -15.39 37.06
C SER E 398 -13.73 -15.31 36.22
N PHE E 399 -13.55 -16.22 35.27
CA PHE E 399 -12.41 -16.19 34.37
C PHE E 399 -12.74 -15.54 33.03
N THR E 400 -13.85 -15.92 32.41
CA THR E 400 -14.20 -15.40 31.10
C THR E 400 -14.68 -13.94 31.14
N SER E 401 -14.91 -13.37 32.32
CA SER E 401 -15.28 -11.97 32.40
C SER E 401 -14.13 -11.04 32.01
N PHE E 402 -12.89 -11.51 32.09
CA PHE E 402 -11.73 -10.74 31.68
C PHE E 402 -11.43 -10.86 30.19
N GLN E 403 -12.27 -11.57 29.43
CA GLN E 403 -12.00 -11.74 28.01
C GLN E 403 -12.19 -10.43 27.24
N GLY E 404 -13.17 -9.62 27.63
CA GLY E 404 -13.36 -8.34 26.95
C GLY E 404 -12.18 -7.40 27.16
N LEU E 405 -11.60 -7.42 28.35
CA LEU E 405 -10.41 -6.60 28.61
C LEU E 405 -9.22 -7.05 27.79
N MET E 406 -9.06 -8.36 27.61
CA MET E 406 -7.91 -8.87 26.86
C MET E 406 -7.99 -8.49 25.39
N VAL E 407 -9.20 -8.46 24.83
CA VAL E 407 -9.36 -8.06 23.43
C VAL E 407 -9.11 -6.57 23.28
N ALA E 408 -9.48 -5.77 24.29
CA ALA E 408 -9.31 -4.33 24.20
C ALA E 408 -7.85 -3.91 24.22
N ILE E 409 -7.00 -4.66 24.92
CA ILE E 409 -5.59 -4.32 24.97
C ILE E 409 -4.83 -4.89 23.78
N LEU E 410 -5.12 -6.13 23.40
CA LEU E 410 -4.36 -6.78 22.34
C LEU E 410 -4.69 -6.17 20.98
N TYR E 411 -5.98 -6.03 20.66
CA TYR E 411 -6.40 -5.63 19.33
C TYR E 411 -6.63 -4.14 19.19
N CYS E 412 -6.60 -3.37 20.29
CA CYS E 412 -6.70 -1.92 20.18
C CYS E 412 -5.50 -1.19 20.77
N PHE E 413 -5.13 -1.47 22.02
CA PHE E 413 -4.18 -0.61 22.71
C PHE E 413 -2.74 -0.86 22.28
N VAL E 414 -2.38 -2.13 22.03
CA VAL E 414 -1.05 -2.45 21.54
C VAL E 414 -1.03 -2.76 20.06
N ASN E 415 -2.11 -2.48 19.34
CA ASN E 415 -2.15 -2.71 17.90
C ASN E 415 -1.12 -1.83 17.20
N ASN E 416 -0.45 -2.39 16.19
CA ASN E 416 0.59 -1.65 15.48
C ASN E 416 0.04 -0.41 14.81
N GLU E 417 -1.12 -0.51 14.18
CA GLU E 417 -1.69 0.65 13.49
C GLU E 417 -2.16 1.70 14.47
N VAL E 418 -2.74 1.28 15.59
CA VAL E 418 -3.24 2.24 16.58
C VAL E 418 -2.10 3.01 17.21
N GLN E 419 -0.98 2.35 17.51
CA GLN E 419 0.16 3.05 18.11
C GLN E 419 0.71 4.11 17.17
N LEU E 420 0.73 3.82 15.86
CA LEU E 420 1.19 4.82 14.90
C LEU E 420 0.16 5.92 14.71
N GLU E 421 -1.13 5.61 14.84
CA GLU E 421 -2.15 6.65 14.78
C GLU E 421 -2.00 7.64 15.92
N PHE E 422 -1.63 7.15 17.11
CA PHE E 422 -1.43 8.04 18.25
C PHE E 422 -0.17 8.88 18.09
N ARG E 423 0.85 8.35 17.42
CA ARG E 423 2.08 9.09 17.22
C ARG E 423 1.86 10.27 16.27
N LYS E 424 1.14 10.03 15.17
CA LYS E 424 0.93 11.10 14.19
C LYS E 424 0.06 12.21 14.76
N SER E 425 -0.95 11.86 15.58
CA SER E 425 -1.82 12.86 16.16
C SER E 425 -1.11 13.75 17.17
N TRP E 426 0.10 13.39 17.60
CA TRP E 426 0.85 14.19 18.55
C TRP E 426 1.89 15.09 17.90
N GLU E 427 2.53 14.63 16.82
CA GLU E 427 3.48 15.47 16.11
C GLU E 427 2.83 16.70 15.51
N ARG E 428 1.53 16.65 15.22
CA ARG E 428 0.83 17.84 14.74
C ARG E 428 0.59 18.84 15.87
N TRP E 429 0.35 18.34 17.09
CA TRP E 429 0.19 19.23 18.23
C TRP E 429 1.49 19.89 18.65
N ARG E 430 2.63 19.41 18.15
CA ARG E 430 3.91 20.05 18.40
C ARG E 430 4.12 21.29 17.54
N LEU E 431 3.23 21.54 16.58
CA LEU E 431 3.33 22.72 15.72
C LEU E 431 2.73 23.96 16.36
N GLU E 432 2.27 23.88 17.59
CA GLU E 432 1.69 25.04 18.28
C GLU E 432 2.67 25.58 19.31
#